data_1KDL
# 
_entry.id   1KDL 
# 
_audit_conform.dict_name       mmcif_pdbx.dic 
_audit_conform.dict_version    5.391 
_audit_conform.dict_location   http://mmcif.pdb.org/dictionaries/ascii/mmcif_pdbx.dic 
# 
loop_
_database_2.database_id 
_database_2.database_code 
_database_2.pdbx_database_accession 
_database_2.pdbx_DOI 
PDB   1KDL         pdb_00001kdl 10.2210/pdb1kdl/pdb 
RCSB  RCSB014839   ?            ?                   
WWPDB D_1000014839 ?            ?                   
# 
loop_
_pdbx_audit_revision_history.ordinal 
_pdbx_audit_revision_history.data_content_type 
_pdbx_audit_revision_history.major_revision 
_pdbx_audit_revision_history.minor_revision 
_pdbx_audit_revision_history.revision_date 
1 'Structure model' 1 0 2002-08-21 
2 'Structure model' 1 1 2008-04-27 
3 'Structure model' 1 2 2011-07-13 
4 'Structure model' 1 3 2017-11-29 
5 'Structure model' 1 4 2024-05-01 
# 
_pdbx_audit_revision_details.ordinal             1 
_pdbx_audit_revision_details.revision_ordinal    1 
_pdbx_audit_revision_details.data_content_type   'Structure model' 
_pdbx_audit_revision_details.provider            repository 
_pdbx_audit_revision_details.type                'Initial release' 
_pdbx_audit_revision_details.description         ? 
_pdbx_audit_revision_details.details             ? 
# 
loop_
_pdbx_audit_revision_group.ordinal 
_pdbx_audit_revision_group.revision_ordinal 
_pdbx_audit_revision_group.data_content_type 
_pdbx_audit_revision_group.group 
1 2 'Structure model' 'Version format compliance' 
2 3 'Structure model' 'Version format compliance' 
3 4 'Structure model' 'Derived calculations'      
4 5 'Structure model' 'Data collection'           
5 5 'Structure model' 'Database references'       
# 
loop_
_pdbx_audit_revision_category.ordinal 
_pdbx_audit_revision_category.revision_ordinal 
_pdbx_audit_revision_category.data_content_type 
_pdbx_audit_revision_category.category 
1 4 'Structure model' pdbx_struct_assembly  
2 4 'Structure model' pdbx_struct_oper_list 
3 4 'Structure model' struct_conf           
4 4 'Structure model' struct_conf_type      
5 5 'Structure model' chem_comp_atom        
6 5 'Structure model' chem_comp_bond        
7 5 'Structure model' database_2            
8 5 'Structure model' pdbx_nmr_software     
# 
loop_
_pdbx_audit_revision_item.ordinal 
_pdbx_audit_revision_item.revision_ordinal 
_pdbx_audit_revision_item.data_content_type 
_pdbx_audit_revision_item.item 
1 5 'Structure model' '_database_2.pdbx_DOI'                
2 5 'Structure model' '_database_2.pdbx_database_accession' 
3 5 'Structure model' '_pdbx_nmr_software.name'             
# 
_pdbx_database_status.status_code                     REL 
_pdbx_database_status.entry_id                        1KDL 
_pdbx_database_status.recvd_initial_deposition_date   2001-11-13 
_pdbx_database_status.deposit_site                    RCSB 
_pdbx_database_status.process_site                    RCSB 
_pdbx_database_status.status_code_mr                  REL 
_pdbx_database_status.SG_entry                        . 
_pdbx_database_status.pdb_format_compatible           Y 
_pdbx_database_status.status_code_sf                  ? 
_pdbx_database_status.status_code_cs                  ? 
_pdbx_database_status.methods_development_category    ? 
_pdbx_database_status.status_code_nmr_data            ? 
# 
loop_
_audit_author.name 
_audit_author.pdbx_ordinal 
'Tengel, T.'    1 
'Sethson, I.'   2 
'Francis, M.S.' 3 
# 
_citation.id                        primary 
_citation.title                     
'Conformational analysis by CD and NMR spectroscopy of a peptide encompassing the amphipathic domain of YopD from Yersinia.' 
_citation.journal_abbrev            Eur.J.Biochem. 
_citation.journal_volume            269 
_citation.page_first                3659 
_citation.page_last                 3668 
_citation.year                      2002 
_citation.journal_id_ASTM           EJBCAI 
_citation.country                   IX 
_citation.journal_id_ISSN           0014-2956 
_citation.journal_id_CSD            0262 
_citation.book_publisher            ? 
_citation.pdbx_database_id_PubMed   12153562 
_citation.pdbx_database_id_DOI      10.1046/j.1432-1033.2002.03051.x 
# 
loop_
_citation_author.citation_id 
_citation_author.name 
_citation_author.ordinal 
_citation_author.identifier_ORCID 
primary 'Tengel, T.'    1 ? 
primary 'Sethson, I.'   2 ? 
primary 'Francis, M.S.' 3 ? 
# 
_entity.id                         1 
_entity.type                       polymer 
_entity.src_method                 syn 
_entity.pdbx_description           'YOPD protein' 
_entity.formula_weight             2768.195 
_entity.pdbx_number_of_molecules   1 
_entity.pdbx_ec                    ? 
_entity.pdbx_mutation              ? 
_entity.pdbx_fragment              278-300 
_entity.details                    ? 
# 
_entity_poly.entity_id                      1 
_entity_poly.type                           'polypeptide(L)' 
_entity_poly.nstd_linkage                   no 
_entity_poly.nstd_monomer                   no 
_entity_poly.pdbx_seq_one_letter_code       DNFMKDVLRLIEQYVSSHTHAMK 
_entity_poly.pdbx_seq_one_letter_code_can   DNFMKDVLRLIEQYVSSHTHAMK 
_entity_poly.pdbx_strand_id                 A 
_entity_poly.pdbx_target_identifier         ? 
# 
loop_
_entity_poly_seq.entity_id 
_entity_poly_seq.num 
_entity_poly_seq.mon_id 
_entity_poly_seq.hetero 
1 1  ASP n 
1 2  ASN n 
1 3  PHE n 
1 4  MET n 
1 5  LYS n 
1 6  ASP n 
1 7  VAL n 
1 8  LEU n 
1 9  ARG n 
1 10 LEU n 
1 11 ILE n 
1 12 GLU n 
1 13 GLN n 
1 14 TYR n 
1 15 VAL n 
1 16 SER n 
1 17 SER n 
1 18 HIS n 
1 19 THR n 
1 20 HIS n 
1 21 ALA n 
1 22 MET n 
1 23 LYS n 
# 
_pdbx_entity_src_syn.entity_id              1 
_pdbx_entity_src_syn.pdbx_src_id            1 
_pdbx_entity_src_syn.pdbx_alt_source_flag   sample 
_pdbx_entity_src_syn.pdbx_beg_seq_num       ? 
_pdbx_entity_src_syn.pdbx_end_seq_num       ? 
_pdbx_entity_src_syn.organism_scientific    ? 
_pdbx_entity_src_syn.organism_common_name   ? 
_pdbx_entity_src_syn.ncbi_taxonomy_id       ? 
_pdbx_entity_src_syn.details                
;The peptide was chemically synthesized and is found in the cytosol and membrane locations. The sequence of the peptide is naturally found in YERSINIA PESTIS (bacteria).
;
# 
loop_
_chem_comp.id 
_chem_comp.type 
_chem_comp.mon_nstd_flag 
_chem_comp.name 
_chem_comp.pdbx_synonyms 
_chem_comp.formula 
_chem_comp.formula_weight 
ALA 'L-peptide linking' y ALANINE         ? 'C3 H7 N O2'     89.093  
ARG 'L-peptide linking' y ARGININE        ? 'C6 H15 N4 O2 1' 175.209 
ASN 'L-peptide linking' y ASPARAGINE      ? 'C4 H8 N2 O3'    132.118 
ASP 'L-peptide linking' y 'ASPARTIC ACID' ? 'C4 H7 N O4'     133.103 
GLN 'L-peptide linking' y GLUTAMINE       ? 'C5 H10 N2 O3'   146.144 
GLU 'L-peptide linking' y 'GLUTAMIC ACID' ? 'C5 H9 N O4'     147.129 
HIS 'L-peptide linking' y HISTIDINE       ? 'C6 H10 N3 O2 1' 156.162 
ILE 'L-peptide linking' y ISOLEUCINE      ? 'C6 H13 N O2'    131.173 
LEU 'L-peptide linking' y LEUCINE         ? 'C6 H13 N O2'    131.173 
LYS 'L-peptide linking' y LYSINE          ? 'C6 H15 N2 O2 1' 147.195 
MET 'L-peptide linking' y METHIONINE      ? 'C5 H11 N O2 S'  149.211 
PHE 'L-peptide linking' y PHENYLALANINE   ? 'C9 H11 N O2'    165.189 
SER 'L-peptide linking' y SERINE          ? 'C3 H7 N O3'     105.093 
THR 'L-peptide linking' y THREONINE       ? 'C4 H9 N O3'     119.119 
TYR 'L-peptide linking' y TYROSINE        ? 'C9 H11 N O3'    181.189 
VAL 'L-peptide linking' y VALINE          ? 'C5 H11 N O2'    117.146 
# 
loop_
_pdbx_poly_seq_scheme.asym_id 
_pdbx_poly_seq_scheme.entity_id 
_pdbx_poly_seq_scheme.seq_id 
_pdbx_poly_seq_scheme.mon_id 
_pdbx_poly_seq_scheme.ndb_seq_num 
_pdbx_poly_seq_scheme.pdb_seq_num 
_pdbx_poly_seq_scheme.auth_seq_num 
_pdbx_poly_seq_scheme.pdb_mon_id 
_pdbx_poly_seq_scheme.auth_mon_id 
_pdbx_poly_seq_scheme.pdb_strand_id 
_pdbx_poly_seq_scheme.pdb_ins_code 
_pdbx_poly_seq_scheme.hetero 
A 1 1  ASP 1  278 278 ASP ASP A . n 
A 1 2  ASN 2  279 279 ASN ASN A . n 
A 1 3  PHE 3  280 280 PHE PHE A . n 
A 1 4  MET 4  281 281 MET MET A . n 
A 1 5  LYS 5  282 282 LYS LYS A . n 
A 1 6  ASP 6  283 283 ASP ASP A . n 
A 1 7  VAL 7  284 284 VAL VAL A . n 
A 1 8  LEU 8  285 285 LEU LEU A . n 
A 1 9  ARG 9  286 286 ARG ARG A . n 
A 1 10 LEU 10 287 287 LEU LEU A . n 
A 1 11 ILE 11 288 288 ILE ILE A . n 
A 1 12 GLU 12 289 289 GLU GLU A . n 
A 1 13 GLN 13 290 290 GLN GLN A . n 
A 1 14 TYR 14 291 291 TYR TYR A . n 
A 1 15 VAL 15 292 292 VAL VAL A . n 
A 1 16 SER 16 293 293 SER SER A . n 
A 1 17 SER 17 294 294 SER SER A . n 
A 1 18 HIS 18 295 295 HIS HIS A . n 
A 1 19 THR 19 296 296 THR THR A . n 
A 1 20 HIS 20 297 297 HIS HIS A . n 
A 1 21 ALA 21 298 298 ALA ALA A . n 
A 1 22 MET 22 299 299 MET MET A . n 
A 1 23 LYS 23 300 300 LYS LYS A . n 
# 
_cell.entry_id           1KDL 
_cell.length_a           1.000 
_cell.length_b           1.000 
_cell.length_c           1.000 
_cell.angle_alpha        90.00 
_cell.angle_beta         90.00 
_cell.angle_gamma        90.00 
_cell.Z_PDB              1 
_cell.pdbx_unique_axis   ? 
# 
_symmetry.entry_id                         1KDL 
_symmetry.space_group_name_H-M             'P 1' 
_symmetry.pdbx_full_space_group_name_H-M   ? 
_symmetry.cell_setting                     ? 
_symmetry.Int_Tables_number                1 
# 
_exptl.entry_id          1KDL 
_exptl.method            'SOLUTION NMR' 
_exptl.crystals_number   ? 
# 
_exptl_crystal.id                    1 
_exptl_crystal.density_meas          ? 
_exptl_crystal.density_percent_sol   ? 
_exptl_crystal.density_Matthews      ? 
_exptl_crystal.description           ? 
# 
_diffrn.id                     1 
_diffrn.ambient_temp           ? 
_diffrn.ambient_temp_details   ? 
_diffrn.crystal_id             1 
# 
_diffrn_radiation.diffrn_id                        1 
_diffrn_radiation.wavelength_id                    1 
_diffrn_radiation.monochromator                    ? 
_diffrn_radiation.pdbx_monochromatic_or_laue_m_l   M 
_diffrn_radiation.pdbx_diffrn_protocol             'SINGLE WAVELENGTH' 
_diffrn_radiation.pdbx_scattering_type             ? 
# 
_diffrn_radiation_wavelength.id           1 
_diffrn_radiation_wavelength.wavelength   . 
_diffrn_radiation_wavelength.wt           1.0 
# 
_struct.entry_id                  1KDL 
_struct.title                     'Solution structure of the amphipathic domain of YopD from Yersinia' 
_struct.pdbx_model_details        ? 
_struct.pdbx_CASP_flag            ? 
_struct.pdbx_model_type_details   ? 
# 
_struct_keywords.entry_id        1KDL 
_struct_keywords.pdbx_keywords   'STRUCTURAL PROTEIN' 
_struct_keywords.text            'YERSINIA, YOPD, AMPHIPATHIC ALPHA HELIX, BETA TURN, STRUCTURAL PROTEIN' 
# 
_struct_asym.id                            A 
_struct_asym.pdbx_blank_PDB_chainid_flag   N 
_struct_asym.pdbx_modified                 N 
_struct_asym.entity_id                     1 
_struct_asym.details                       ? 
# 
_struct_ref.id                         1 
_struct_ref.db_name                    UNP 
_struct_ref.db_code                    YOPD_YERPS 
_struct_ref.entity_id                  1 
_struct_ref.pdbx_seq_one_letter_code   DNFMKDVLRLIEQYVSSHTHAMK 
_struct_ref.pdbx_align_begin           278 
_struct_ref.pdbx_db_accession          Q06131 
_struct_ref.pdbx_db_isoform            ? 
# 
_struct_ref_seq.align_id                      1 
_struct_ref_seq.ref_id                        1 
_struct_ref_seq.pdbx_PDB_id_code              1KDL 
_struct_ref_seq.pdbx_strand_id                A 
_struct_ref_seq.seq_align_beg                 1 
_struct_ref_seq.pdbx_seq_align_beg_ins_code   ? 
_struct_ref_seq.seq_align_end                 23 
_struct_ref_seq.pdbx_seq_align_end_ins_code   ? 
_struct_ref_seq.pdbx_db_accession             Q06131 
_struct_ref_seq.db_align_beg                  278 
_struct_ref_seq.pdbx_db_align_beg_ins_code    ? 
_struct_ref_seq.db_align_end                  300 
_struct_ref_seq.pdbx_db_align_end_ins_code    ? 
_struct_ref_seq.pdbx_auth_seq_align_beg       278 
_struct_ref_seq.pdbx_auth_seq_align_end       300 
# 
_pdbx_struct_assembly.id                   1 
_pdbx_struct_assembly.details              author_defined_assembly 
_pdbx_struct_assembly.method_details       ? 
_pdbx_struct_assembly.oligomeric_details   monomeric 
_pdbx_struct_assembly.oligomeric_count     1 
# 
_pdbx_struct_assembly_gen.assembly_id       1 
_pdbx_struct_assembly_gen.oper_expression   1 
_pdbx_struct_assembly_gen.asym_id_list      A 
# 
_pdbx_struct_oper_list.id                   1 
_pdbx_struct_oper_list.type                 'identity operation' 
_pdbx_struct_oper_list.name                 1_555 
_pdbx_struct_oper_list.symmetry_operation   ? 
_pdbx_struct_oper_list.matrix[1][1]         1.0000000000 
_pdbx_struct_oper_list.matrix[1][2]         0.0000000000 
_pdbx_struct_oper_list.matrix[1][3]         0.0000000000 
_pdbx_struct_oper_list.vector[1]            0.0000000000 
_pdbx_struct_oper_list.matrix[2][1]         0.0000000000 
_pdbx_struct_oper_list.matrix[2][2]         1.0000000000 
_pdbx_struct_oper_list.matrix[2][3]         0.0000000000 
_pdbx_struct_oper_list.vector[2]            0.0000000000 
_pdbx_struct_oper_list.matrix[3][1]         0.0000000000 
_pdbx_struct_oper_list.matrix[3][2]         0.0000000000 
_pdbx_struct_oper_list.matrix[3][3]         1.0000000000 
_pdbx_struct_oper_list.vector[3]            0.0000000000 
# 
_struct_biol.id   1 
# 
_struct_conf.conf_type_id            HELX_P 
_struct_conf.id                      HELX_P1 
_struct_conf.pdbx_PDB_helix_id       H1 
_struct_conf.beg_label_comp_id       PHE 
_struct_conf.beg_label_asym_id       A 
_struct_conf.beg_label_seq_id        3 
_struct_conf.pdbx_beg_PDB_ins_code   ? 
_struct_conf.end_label_comp_id       VAL 
_struct_conf.end_label_asym_id       A 
_struct_conf.end_label_seq_id        15 
_struct_conf.pdbx_end_PDB_ins_code   ? 
_struct_conf.beg_auth_comp_id        PHE 
_struct_conf.beg_auth_asym_id        A 
_struct_conf.beg_auth_seq_id         280 
_struct_conf.end_auth_comp_id        VAL 
_struct_conf.end_auth_asym_id        A 
_struct_conf.end_auth_seq_id         292 
_struct_conf.pdbx_PDB_helix_class    1 
_struct_conf.details                 ? 
_struct_conf.pdbx_PDB_helix_length   13 
# 
_struct_conf_type.id          HELX_P 
_struct_conf_type.criteria    ? 
_struct_conf_type.reference   ? 
# 
loop_
_pdbx_validate_close_contact.id 
_pdbx_validate_close_contact.PDB_model_num 
_pdbx_validate_close_contact.auth_atom_id_1 
_pdbx_validate_close_contact.auth_asym_id_1 
_pdbx_validate_close_contact.auth_comp_id_1 
_pdbx_validate_close_contact.auth_seq_id_1 
_pdbx_validate_close_contact.PDB_ins_code_1 
_pdbx_validate_close_contact.label_alt_id_1 
_pdbx_validate_close_contact.auth_atom_id_2 
_pdbx_validate_close_contact.auth_asym_id_2 
_pdbx_validate_close_contact.auth_comp_id_2 
_pdbx_validate_close_contact.auth_seq_id_2 
_pdbx_validate_close_contact.PDB_ins_code_2 
_pdbx_validate_close_contact.label_alt_id_2 
_pdbx_validate_close_contact.dist 
1 1 O A VAL 284 ? ? H A ILE 288 ? ? 1.42 
2 1 O A MET 281 ? ? H A LEU 285 ? ? 1.55 
# 
loop_
_pdbx_validate_torsion.id 
_pdbx_validate_torsion.PDB_model_num 
_pdbx_validate_torsion.auth_comp_id 
_pdbx_validate_torsion.auth_asym_id 
_pdbx_validate_torsion.auth_seq_id 
_pdbx_validate_torsion.PDB_ins_code 
_pdbx_validate_torsion.label_alt_id 
_pdbx_validate_torsion.phi 
_pdbx_validate_torsion.psi 
1 1 ASN A 279 ? ? -93.03 30.08 
2 1 HIS A 295 ? ? -93.02 49.20 
# 
_pdbx_validate_planes.id              1 
_pdbx_validate_planes.PDB_model_num   1 
_pdbx_validate_planes.auth_comp_id    ARG 
_pdbx_validate_planes.auth_asym_id    A 
_pdbx_validate_planes.auth_seq_id     286 
_pdbx_validate_planes.PDB_ins_code    ? 
_pdbx_validate_planes.label_alt_id    ? 
_pdbx_validate_planes.rmsd            0.311 
_pdbx_validate_planes.type            'SIDE CHAIN' 
# 
_pdbx_nmr_ensemble.entry_id                                      1KDL 
_pdbx_nmr_ensemble.conformers_calculated_total_number            150 
_pdbx_nmr_ensemble.conformers_submitted_total_number             1 
_pdbx_nmr_ensemble.conformer_selection_criteria                  
;structures with acceptable covalent geometry, structures with the least restraint violations, 
structures with the lowest energy
;
_pdbx_nmr_ensemble.average_constraints_per_residue               ? 
_pdbx_nmr_ensemble.average_constraint_violations_per_residue     ? 
_pdbx_nmr_ensemble.maximum_distance_constraint_violation         ? 
_pdbx_nmr_ensemble.average_distance_constraint_violation         ? 
_pdbx_nmr_ensemble.maximum_upper_distance_constraint_violation   ? 
_pdbx_nmr_ensemble.maximum_lower_distance_constraint_violation   ? 
_pdbx_nmr_ensemble.distance_constraint_violation_method          ? 
_pdbx_nmr_ensemble.maximum_torsion_angle_constraint_violation    ? 
_pdbx_nmr_ensemble.average_torsion_angle_constraint_violation    ? 
_pdbx_nmr_ensemble.torsion_angle_constraint_violation_method     ? 
# 
_pdbx_nmr_representative.entry_id             1KDL 
_pdbx_nmr_representative.conformer_id         1 
_pdbx_nmr_representative.selection_criteria   ? 
# 
_pdbx_nmr_sample_details.solution_id      1 
_pdbx_nmr_sample_details.contents         '3.5 MM YOPD(278-300); 20 MM SODIUM PHOSPHATE BUFFER, PH 4.5; 1 MM SODIUM AZIDE' 
_pdbx_nmr_sample_details.solvent_system   '50% H2O; 10 D2O; 40% TFE' 
# 
_pdbx_nmr_exptl_sample_conditions.conditions_id       1 
_pdbx_nmr_exptl_sample_conditions.temperature         313 
_pdbx_nmr_exptl_sample_conditions.pressure            1 
_pdbx_nmr_exptl_sample_conditions.pH                  4.5 
_pdbx_nmr_exptl_sample_conditions.ionic_strength      '20 mM SODIUM PHOSPHATE BUFFER' 
_pdbx_nmr_exptl_sample_conditions.pressure_units      atm 
_pdbx_nmr_exptl_sample_conditions.temperature_units   K 
# 
loop_
_pdbx_nmr_exptl.experiment_id 
_pdbx_nmr_exptl.conditions_id 
_pdbx_nmr_exptl.type 
_pdbx_nmr_exptl.solution_id 
1 1 '2D NOESY' 1 
2 1 '2D TOCSY' 1 
3 1 DQF-COSY   1 
4 1 '15N HSQC' 1 
5 1 '13C HSQC' 1 
# 
_pdbx_nmr_refine.entry_id           1KDL 
_pdbx_nmr_refine.method             'simulated annealing' 
_pdbx_nmr_refine.details            
;STANDARD SIMULATED ANNEALING PROTOCOL USING XPLOR 3.851. 
DIHEDRAL RESTRAINTS WERE OBTAINED WITH TALOS
;
_pdbx_nmr_refine.software_ordinal   1 
# 
loop_
_pdbx_nmr_software.classification 
_pdbx_nmr_software.name 
_pdbx_nmr_software.version 
_pdbx_nmr_software.authors 
_pdbx_nmr_software.ordinal 
refinement                    X-PLOR    3.851        Brunger    1 
'data analysis'               XwinNMR   2.6          Bruker     2 
'iterative matrix relaxation' MARDIGRAS 3.0          Borgias    3 
'data analysis'               TALOS     98.040.21.02 Cornilescu 4 
# 
loop_
_chem_comp_atom.comp_id 
_chem_comp_atom.atom_id 
_chem_comp_atom.type_symbol 
_chem_comp_atom.pdbx_aromatic_flag 
_chem_comp_atom.pdbx_stereo_config 
_chem_comp_atom.pdbx_ordinal 
ALA N    N N N 1   
ALA CA   C N S 2   
ALA C    C N N 3   
ALA O    O N N 4   
ALA CB   C N N 5   
ALA OXT  O N N 6   
ALA H    H N N 7   
ALA H2   H N N 8   
ALA HA   H N N 9   
ALA HB1  H N N 10  
ALA HB2  H N N 11  
ALA HB3  H N N 12  
ALA HXT  H N N 13  
ARG N    N N N 14  
ARG CA   C N S 15  
ARG C    C N N 16  
ARG O    O N N 17  
ARG CB   C N N 18  
ARG CG   C N N 19  
ARG CD   C N N 20  
ARG NE   N N N 21  
ARG CZ   C N N 22  
ARG NH1  N N N 23  
ARG NH2  N N N 24  
ARG OXT  O N N 25  
ARG H    H N N 26  
ARG H2   H N N 27  
ARG HA   H N N 28  
ARG HB2  H N N 29  
ARG HB3  H N N 30  
ARG HG2  H N N 31  
ARG HG3  H N N 32  
ARG HD2  H N N 33  
ARG HD3  H N N 34  
ARG HE   H N N 35  
ARG HH11 H N N 36  
ARG HH12 H N N 37  
ARG HH21 H N N 38  
ARG HH22 H N N 39  
ARG HXT  H N N 40  
ASN N    N N N 41  
ASN CA   C N S 42  
ASN C    C N N 43  
ASN O    O N N 44  
ASN CB   C N N 45  
ASN CG   C N N 46  
ASN OD1  O N N 47  
ASN ND2  N N N 48  
ASN OXT  O N N 49  
ASN H    H N N 50  
ASN H2   H N N 51  
ASN HA   H N N 52  
ASN HB2  H N N 53  
ASN HB3  H N N 54  
ASN HD21 H N N 55  
ASN HD22 H N N 56  
ASN HXT  H N N 57  
ASP N    N N N 58  
ASP CA   C N S 59  
ASP C    C N N 60  
ASP O    O N N 61  
ASP CB   C N N 62  
ASP CG   C N N 63  
ASP OD1  O N N 64  
ASP OD2  O N N 65  
ASP OXT  O N N 66  
ASP H    H N N 67  
ASP H2   H N N 68  
ASP HA   H N N 69  
ASP HB2  H N N 70  
ASP HB3  H N N 71  
ASP HD2  H N N 72  
ASP HXT  H N N 73  
GLN N    N N N 74  
GLN CA   C N S 75  
GLN C    C N N 76  
GLN O    O N N 77  
GLN CB   C N N 78  
GLN CG   C N N 79  
GLN CD   C N N 80  
GLN OE1  O N N 81  
GLN NE2  N N N 82  
GLN OXT  O N N 83  
GLN H    H N N 84  
GLN H2   H N N 85  
GLN HA   H N N 86  
GLN HB2  H N N 87  
GLN HB3  H N N 88  
GLN HG2  H N N 89  
GLN HG3  H N N 90  
GLN HE21 H N N 91  
GLN HE22 H N N 92  
GLN HXT  H N N 93  
GLU N    N N N 94  
GLU CA   C N S 95  
GLU C    C N N 96  
GLU O    O N N 97  
GLU CB   C N N 98  
GLU CG   C N N 99  
GLU CD   C N N 100 
GLU OE1  O N N 101 
GLU OE2  O N N 102 
GLU OXT  O N N 103 
GLU H    H N N 104 
GLU H2   H N N 105 
GLU HA   H N N 106 
GLU HB2  H N N 107 
GLU HB3  H N N 108 
GLU HG2  H N N 109 
GLU HG3  H N N 110 
GLU HE2  H N N 111 
GLU HXT  H N N 112 
HIS N    N N N 113 
HIS CA   C N S 114 
HIS C    C N N 115 
HIS O    O N N 116 
HIS CB   C N N 117 
HIS CG   C Y N 118 
HIS ND1  N Y N 119 
HIS CD2  C Y N 120 
HIS CE1  C Y N 121 
HIS NE2  N Y N 122 
HIS OXT  O N N 123 
HIS H    H N N 124 
HIS H2   H N N 125 
HIS HA   H N N 126 
HIS HB2  H N N 127 
HIS HB3  H N N 128 
HIS HD1  H N N 129 
HIS HD2  H N N 130 
HIS HE1  H N N 131 
HIS HE2  H N N 132 
HIS HXT  H N N 133 
ILE N    N N N 134 
ILE CA   C N S 135 
ILE C    C N N 136 
ILE O    O N N 137 
ILE CB   C N S 138 
ILE CG1  C N N 139 
ILE CG2  C N N 140 
ILE CD1  C N N 141 
ILE OXT  O N N 142 
ILE H    H N N 143 
ILE H2   H N N 144 
ILE HA   H N N 145 
ILE HB   H N N 146 
ILE HG12 H N N 147 
ILE HG13 H N N 148 
ILE HG21 H N N 149 
ILE HG22 H N N 150 
ILE HG23 H N N 151 
ILE HD11 H N N 152 
ILE HD12 H N N 153 
ILE HD13 H N N 154 
ILE HXT  H N N 155 
LEU N    N N N 156 
LEU CA   C N S 157 
LEU C    C N N 158 
LEU O    O N N 159 
LEU CB   C N N 160 
LEU CG   C N N 161 
LEU CD1  C N N 162 
LEU CD2  C N N 163 
LEU OXT  O N N 164 
LEU H    H N N 165 
LEU H2   H N N 166 
LEU HA   H N N 167 
LEU HB2  H N N 168 
LEU HB3  H N N 169 
LEU HG   H N N 170 
LEU HD11 H N N 171 
LEU HD12 H N N 172 
LEU HD13 H N N 173 
LEU HD21 H N N 174 
LEU HD22 H N N 175 
LEU HD23 H N N 176 
LEU HXT  H N N 177 
LYS N    N N N 178 
LYS CA   C N S 179 
LYS C    C N N 180 
LYS O    O N N 181 
LYS CB   C N N 182 
LYS CG   C N N 183 
LYS CD   C N N 184 
LYS CE   C N N 185 
LYS NZ   N N N 186 
LYS OXT  O N N 187 
LYS H    H N N 188 
LYS H2   H N N 189 
LYS HA   H N N 190 
LYS HB2  H N N 191 
LYS HB3  H N N 192 
LYS HG2  H N N 193 
LYS HG3  H N N 194 
LYS HD2  H N N 195 
LYS HD3  H N N 196 
LYS HE2  H N N 197 
LYS HE3  H N N 198 
LYS HZ1  H N N 199 
LYS HZ2  H N N 200 
LYS HZ3  H N N 201 
LYS HXT  H N N 202 
MET N    N N N 203 
MET CA   C N S 204 
MET C    C N N 205 
MET O    O N N 206 
MET CB   C N N 207 
MET CG   C N N 208 
MET SD   S N N 209 
MET CE   C N N 210 
MET OXT  O N N 211 
MET H    H N N 212 
MET H2   H N N 213 
MET HA   H N N 214 
MET HB2  H N N 215 
MET HB3  H N N 216 
MET HG2  H N N 217 
MET HG3  H N N 218 
MET HE1  H N N 219 
MET HE2  H N N 220 
MET HE3  H N N 221 
MET HXT  H N N 222 
PHE N    N N N 223 
PHE CA   C N S 224 
PHE C    C N N 225 
PHE O    O N N 226 
PHE CB   C N N 227 
PHE CG   C Y N 228 
PHE CD1  C Y N 229 
PHE CD2  C Y N 230 
PHE CE1  C Y N 231 
PHE CE2  C Y N 232 
PHE CZ   C Y N 233 
PHE OXT  O N N 234 
PHE H    H N N 235 
PHE H2   H N N 236 
PHE HA   H N N 237 
PHE HB2  H N N 238 
PHE HB3  H N N 239 
PHE HD1  H N N 240 
PHE HD2  H N N 241 
PHE HE1  H N N 242 
PHE HE2  H N N 243 
PHE HZ   H N N 244 
PHE HXT  H N N 245 
SER N    N N N 246 
SER CA   C N S 247 
SER C    C N N 248 
SER O    O N N 249 
SER CB   C N N 250 
SER OG   O N N 251 
SER OXT  O N N 252 
SER H    H N N 253 
SER H2   H N N 254 
SER HA   H N N 255 
SER HB2  H N N 256 
SER HB3  H N N 257 
SER HG   H N N 258 
SER HXT  H N N 259 
THR N    N N N 260 
THR CA   C N S 261 
THR C    C N N 262 
THR O    O N N 263 
THR CB   C N R 264 
THR OG1  O N N 265 
THR CG2  C N N 266 
THR OXT  O N N 267 
THR H    H N N 268 
THR H2   H N N 269 
THR HA   H N N 270 
THR HB   H N N 271 
THR HG1  H N N 272 
THR HG21 H N N 273 
THR HG22 H N N 274 
THR HG23 H N N 275 
THR HXT  H N N 276 
TYR N    N N N 277 
TYR CA   C N S 278 
TYR C    C N N 279 
TYR O    O N N 280 
TYR CB   C N N 281 
TYR CG   C Y N 282 
TYR CD1  C Y N 283 
TYR CD2  C Y N 284 
TYR CE1  C Y N 285 
TYR CE2  C Y N 286 
TYR CZ   C Y N 287 
TYR OH   O N N 288 
TYR OXT  O N N 289 
TYR H    H N N 290 
TYR H2   H N N 291 
TYR HA   H N N 292 
TYR HB2  H N N 293 
TYR HB3  H N N 294 
TYR HD1  H N N 295 
TYR HD2  H N N 296 
TYR HE1  H N N 297 
TYR HE2  H N N 298 
TYR HH   H N N 299 
TYR HXT  H N N 300 
VAL N    N N N 301 
VAL CA   C N S 302 
VAL C    C N N 303 
VAL O    O N N 304 
VAL CB   C N N 305 
VAL CG1  C N N 306 
VAL CG2  C N N 307 
VAL OXT  O N N 308 
VAL H    H N N 309 
VAL H2   H N N 310 
VAL HA   H N N 311 
VAL HB   H N N 312 
VAL HG11 H N N 313 
VAL HG12 H N N 314 
VAL HG13 H N N 315 
VAL HG21 H N N 316 
VAL HG22 H N N 317 
VAL HG23 H N N 318 
VAL HXT  H N N 319 
# 
loop_
_chem_comp_bond.comp_id 
_chem_comp_bond.atom_id_1 
_chem_comp_bond.atom_id_2 
_chem_comp_bond.value_order 
_chem_comp_bond.pdbx_aromatic_flag 
_chem_comp_bond.pdbx_stereo_config 
_chem_comp_bond.pdbx_ordinal 
ALA N   CA   sing N N 1   
ALA N   H    sing N N 2   
ALA N   H2   sing N N 3   
ALA CA  C    sing N N 4   
ALA CA  CB   sing N N 5   
ALA CA  HA   sing N N 6   
ALA C   O    doub N N 7   
ALA C   OXT  sing N N 8   
ALA CB  HB1  sing N N 9   
ALA CB  HB2  sing N N 10  
ALA CB  HB3  sing N N 11  
ALA OXT HXT  sing N N 12  
ARG N   CA   sing N N 13  
ARG N   H    sing N N 14  
ARG N   H2   sing N N 15  
ARG CA  C    sing N N 16  
ARG CA  CB   sing N N 17  
ARG CA  HA   sing N N 18  
ARG C   O    doub N N 19  
ARG C   OXT  sing N N 20  
ARG CB  CG   sing N N 21  
ARG CB  HB2  sing N N 22  
ARG CB  HB3  sing N N 23  
ARG CG  CD   sing N N 24  
ARG CG  HG2  sing N N 25  
ARG CG  HG3  sing N N 26  
ARG CD  NE   sing N N 27  
ARG CD  HD2  sing N N 28  
ARG CD  HD3  sing N N 29  
ARG NE  CZ   sing N N 30  
ARG NE  HE   sing N N 31  
ARG CZ  NH1  sing N N 32  
ARG CZ  NH2  doub N N 33  
ARG NH1 HH11 sing N N 34  
ARG NH1 HH12 sing N N 35  
ARG NH2 HH21 sing N N 36  
ARG NH2 HH22 sing N N 37  
ARG OXT HXT  sing N N 38  
ASN N   CA   sing N N 39  
ASN N   H    sing N N 40  
ASN N   H2   sing N N 41  
ASN CA  C    sing N N 42  
ASN CA  CB   sing N N 43  
ASN CA  HA   sing N N 44  
ASN C   O    doub N N 45  
ASN C   OXT  sing N N 46  
ASN CB  CG   sing N N 47  
ASN CB  HB2  sing N N 48  
ASN CB  HB3  sing N N 49  
ASN CG  OD1  doub N N 50  
ASN CG  ND2  sing N N 51  
ASN ND2 HD21 sing N N 52  
ASN ND2 HD22 sing N N 53  
ASN OXT HXT  sing N N 54  
ASP N   CA   sing N N 55  
ASP N   H    sing N N 56  
ASP N   H2   sing N N 57  
ASP CA  C    sing N N 58  
ASP CA  CB   sing N N 59  
ASP CA  HA   sing N N 60  
ASP C   O    doub N N 61  
ASP C   OXT  sing N N 62  
ASP CB  CG   sing N N 63  
ASP CB  HB2  sing N N 64  
ASP CB  HB3  sing N N 65  
ASP CG  OD1  doub N N 66  
ASP CG  OD2  sing N N 67  
ASP OD2 HD2  sing N N 68  
ASP OXT HXT  sing N N 69  
GLN N   CA   sing N N 70  
GLN N   H    sing N N 71  
GLN N   H2   sing N N 72  
GLN CA  C    sing N N 73  
GLN CA  CB   sing N N 74  
GLN CA  HA   sing N N 75  
GLN C   O    doub N N 76  
GLN C   OXT  sing N N 77  
GLN CB  CG   sing N N 78  
GLN CB  HB2  sing N N 79  
GLN CB  HB3  sing N N 80  
GLN CG  CD   sing N N 81  
GLN CG  HG2  sing N N 82  
GLN CG  HG3  sing N N 83  
GLN CD  OE1  doub N N 84  
GLN CD  NE2  sing N N 85  
GLN NE2 HE21 sing N N 86  
GLN NE2 HE22 sing N N 87  
GLN OXT HXT  sing N N 88  
GLU N   CA   sing N N 89  
GLU N   H    sing N N 90  
GLU N   H2   sing N N 91  
GLU CA  C    sing N N 92  
GLU CA  CB   sing N N 93  
GLU CA  HA   sing N N 94  
GLU C   O    doub N N 95  
GLU C   OXT  sing N N 96  
GLU CB  CG   sing N N 97  
GLU CB  HB2  sing N N 98  
GLU CB  HB3  sing N N 99  
GLU CG  CD   sing N N 100 
GLU CG  HG2  sing N N 101 
GLU CG  HG3  sing N N 102 
GLU CD  OE1  doub N N 103 
GLU CD  OE2  sing N N 104 
GLU OE2 HE2  sing N N 105 
GLU OXT HXT  sing N N 106 
HIS N   CA   sing N N 107 
HIS N   H    sing N N 108 
HIS N   H2   sing N N 109 
HIS CA  C    sing N N 110 
HIS CA  CB   sing N N 111 
HIS CA  HA   sing N N 112 
HIS C   O    doub N N 113 
HIS C   OXT  sing N N 114 
HIS CB  CG   sing N N 115 
HIS CB  HB2  sing N N 116 
HIS CB  HB3  sing N N 117 
HIS CG  ND1  sing Y N 118 
HIS CG  CD2  doub Y N 119 
HIS ND1 CE1  doub Y N 120 
HIS ND1 HD1  sing N N 121 
HIS CD2 NE2  sing Y N 122 
HIS CD2 HD2  sing N N 123 
HIS CE1 NE2  sing Y N 124 
HIS CE1 HE1  sing N N 125 
HIS NE2 HE2  sing N N 126 
HIS OXT HXT  sing N N 127 
ILE N   CA   sing N N 128 
ILE N   H    sing N N 129 
ILE N   H2   sing N N 130 
ILE CA  C    sing N N 131 
ILE CA  CB   sing N N 132 
ILE CA  HA   sing N N 133 
ILE C   O    doub N N 134 
ILE C   OXT  sing N N 135 
ILE CB  CG1  sing N N 136 
ILE CB  CG2  sing N N 137 
ILE CB  HB   sing N N 138 
ILE CG1 CD1  sing N N 139 
ILE CG1 HG12 sing N N 140 
ILE CG1 HG13 sing N N 141 
ILE CG2 HG21 sing N N 142 
ILE CG2 HG22 sing N N 143 
ILE CG2 HG23 sing N N 144 
ILE CD1 HD11 sing N N 145 
ILE CD1 HD12 sing N N 146 
ILE CD1 HD13 sing N N 147 
ILE OXT HXT  sing N N 148 
LEU N   CA   sing N N 149 
LEU N   H    sing N N 150 
LEU N   H2   sing N N 151 
LEU CA  C    sing N N 152 
LEU CA  CB   sing N N 153 
LEU CA  HA   sing N N 154 
LEU C   O    doub N N 155 
LEU C   OXT  sing N N 156 
LEU CB  CG   sing N N 157 
LEU CB  HB2  sing N N 158 
LEU CB  HB3  sing N N 159 
LEU CG  CD1  sing N N 160 
LEU CG  CD2  sing N N 161 
LEU CG  HG   sing N N 162 
LEU CD1 HD11 sing N N 163 
LEU CD1 HD12 sing N N 164 
LEU CD1 HD13 sing N N 165 
LEU CD2 HD21 sing N N 166 
LEU CD2 HD22 sing N N 167 
LEU CD2 HD23 sing N N 168 
LEU OXT HXT  sing N N 169 
LYS N   CA   sing N N 170 
LYS N   H    sing N N 171 
LYS N   H2   sing N N 172 
LYS CA  C    sing N N 173 
LYS CA  CB   sing N N 174 
LYS CA  HA   sing N N 175 
LYS C   O    doub N N 176 
LYS C   OXT  sing N N 177 
LYS CB  CG   sing N N 178 
LYS CB  HB2  sing N N 179 
LYS CB  HB3  sing N N 180 
LYS CG  CD   sing N N 181 
LYS CG  HG2  sing N N 182 
LYS CG  HG3  sing N N 183 
LYS CD  CE   sing N N 184 
LYS CD  HD2  sing N N 185 
LYS CD  HD3  sing N N 186 
LYS CE  NZ   sing N N 187 
LYS CE  HE2  sing N N 188 
LYS CE  HE3  sing N N 189 
LYS NZ  HZ1  sing N N 190 
LYS NZ  HZ2  sing N N 191 
LYS NZ  HZ3  sing N N 192 
LYS OXT HXT  sing N N 193 
MET N   CA   sing N N 194 
MET N   H    sing N N 195 
MET N   H2   sing N N 196 
MET CA  C    sing N N 197 
MET CA  CB   sing N N 198 
MET CA  HA   sing N N 199 
MET C   O    doub N N 200 
MET C   OXT  sing N N 201 
MET CB  CG   sing N N 202 
MET CB  HB2  sing N N 203 
MET CB  HB3  sing N N 204 
MET CG  SD   sing N N 205 
MET CG  HG2  sing N N 206 
MET CG  HG3  sing N N 207 
MET SD  CE   sing N N 208 
MET CE  HE1  sing N N 209 
MET CE  HE2  sing N N 210 
MET CE  HE3  sing N N 211 
MET OXT HXT  sing N N 212 
PHE N   CA   sing N N 213 
PHE N   H    sing N N 214 
PHE N   H2   sing N N 215 
PHE CA  C    sing N N 216 
PHE CA  CB   sing N N 217 
PHE CA  HA   sing N N 218 
PHE C   O    doub N N 219 
PHE C   OXT  sing N N 220 
PHE CB  CG   sing N N 221 
PHE CB  HB2  sing N N 222 
PHE CB  HB3  sing N N 223 
PHE CG  CD1  doub Y N 224 
PHE CG  CD2  sing Y N 225 
PHE CD1 CE1  sing Y N 226 
PHE CD1 HD1  sing N N 227 
PHE CD2 CE2  doub Y N 228 
PHE CD2 HD2  sing N N 229 
PHE CE1 CZ   doub Y N 230 
PHE CE1 HE1  sing N N 231 
PHE CE2 CZ   sing Y N 232 
PHE CE2 HE2  sing N N 233 
PHE CZ  HZ   sing N N 234 
PHE OXT HXT  sing N N 235 
SER N   CA   sing N N 236 
SER N   H    sing N N 237 
SER N   H2   sing N N 238 
SER CA  C    sing N N 239 
SER CA  CB   sing N N 240 
SER CA  HA   sing N N 241 
SER C   O    doub N N 242 
SER C   OXT  sing N N 243 
SER CB  OG   sing N N 244 
SER CB  HB2  sing N N 245 
SER CB  HB3  sing N N 246 
SER OG  HG   sing N N 247 
SER OXT HXT  sing N N 248 
THR N   CA   sing N N 249 
THR N   H    sing N N 250 
THR N   H2   sing N N 251 
THR CA  C    sing N N 252 
THR CA  CB   sing N N 253 
THR CA  HA   sing N N 254 
THR C   O    doub N N 255 
THR C   OXT  sing N N 256 
THR CB  OG1  sing N N 257 
THR CB  CG2  sing N N 258 
THR CB  HB   sing N N 259 
THR OG1 HG1  sing N N 260 
THR CG2 HG21 sing N N 261 
THR CG2 HG22 sing N N 262 
THR CG2 HG23 sing N N 263 
THR OXT HXT  sing N N 264 
TYR N   CA   sing N N 265 
TYR N   H    sing N N 266 
TYR N   H2   sing N N 267 
TYR CA  C    sing N N 268 
TYR CA  CB   sing N N 269 
TYR CA  HA   sing N N 270 
TYR C   O    doub N N 271 
TYR C   OXT  sing N N 272 
TYR CB  CG   sing N N 273 
TYR CB  HB2  sing N N 274 
TYR CB  HB3  sing N N 275 
TYR CG  CD1  doub Y N 276 
TYR CG  CD2  sing Y N 277 
TYR CD1 CE1  sing Y N 278 
TYR CD1 HD1  sing N N 279 
TYR CD2 CE2  doub Y N 280 
TYR CD2 HD2  sing N N 281 
TYR CE1 CZ   doub Y N 282 
TYR CE1 HE1  sing N N 283 
TYR CE2 CZ   sing Y N 284 
TYR CE2 HE2  sing N N 285 
TYR CZ  OH   sing N N 286 
TYR OH  HH   sing N N 287 
TYR OXT HXT  sing N N 288 
VAL N   CA   sing N N 289 
VAL N   H    sing N N 290 
VAL N   H2   sing N N 291 
VAL CA  C    sing N N 292 
VAL CA  CB   sing N N 293 
VAL CA  HA   sing N N 294 
VAL C   O    doub N N 295 
VAL C   OXT  sing N N 296 
VAL CB  CG1  sing N N 297 
VAL CB  CG2  sing N N 298 
VAL CB  HB   sing N N 299 
VAL CG1 HG11 sing N N 300 
VAL CG1 HG12 sing N N 301 
VAL CG1 HG13 sing N N 302 
VAL CG2 HG21 sing N N 303 
VAL CG2 HG22 sing N N 304 
VAL CG2 HG23 sing N N 305 
VAL OXT HXT  sing N N 306 
# 
loop_
_pdbx_nmr_spectrometer.spectrometer_id 
_pdbx_nmr_spectrometer.model 
_pdbx_nmr_spectrometer.manufacturer 
_pdbx_nmr_spectrometer.field_strength 
_pdbx_nmr_spectrometer.type 
1 DRX Bruker 600 ? 
2 AMX Bruker 500 ? 
# 
_atom_sites.entry_id                    1KDL 
_atom_sites.fract_transf_matrix[1][1]   1.000000 
_atom_sites.fract_transf_matrix[1][2]   0.000000 
_atom_sites.fract_transf_matrix[1][3]   0.000000 
_atom_sites.fract_transf_matrix[2][1]   0.000000 
_atom_sites.fract_transf_matrix[2][2]   1.000000 
_atom_sites.fract_transf_matrix[2][3]   0.000000 
_atom_sites.fract_transf_matrix[3][1]   0.000000 
_atom_sites.fract_transf_matrix[3][2]   0.000000 
_atom_sites.fract_transf_matrix[3][3]   1.000000 
_atom_sites.fract_transf_vector[1]      0.00000 
_atom_sites.fract_transf_vector[2]      0.00000 
_atom_sites.fract_transf_vector[3]      0.00000 
# 
loop_
_atom_type.symbol 
C 
H 
N 
O 
S 
# 
loop_
_atom_site.group_PDB 
_atom_site.id 
_atom_site.type_symbol 
_atom_site.label_atom_id 
_atom_site.label_alt_id 
_atom_site.label_comp_id 
_atom_site.label_asym_id 
_atom_site.label_entity_id 
_atom_site.label_seq_id 
_atom_site.pdbx_PDB_ins_code 
_atom_site.Cartn_x 
_atom_site.Cartn_y 
_atom_site.Cartn_z 
_atom_site.occupancy 
_atom_site.B_iso_or_equiv 
_atom_site.pdbx_formal_charge 
_atom_site.auth_seq_id 
_atom_site.auth_comp_id 
_atom_site.auth_asym_id 
_atom_site.auth_atom_id 
_atom_site.pdbx_PDB_model_num 
ATOM 1   N N    . ASP A 1 1  ? -8.603  -15.321 -0.959  1.00 0.00 ? 278 ASP A N    1 
ATOM 2   C CA   . ASP A 1 1  ? -9.067  -14.599 -2.178  1.00 0.00 ? 278 ASP A CA   1 
ATOM 3   C C    . ASP A 1 1  ? -8.982  -13.090 -1.939  1.00 0.00 ? 278 ASP A C    1 
ATOM 4   O O    . ASP A 1 1  ? -8.281  -12.380 -2.631  1.00 0.00 ? 278 ASP A O    1 
ATOM 5   C CB   . ASP A 1 1  ? -10.515 -14.988 -2.481  1.00 0.00 ? 278 ASP A CB   1 
ATOM 6   C CG   . ASP A 1 1  ? -10.542 -16.333 -3.207  1.00 0.00 ? 278 ASP A CG   1 
ATOM 7   O OD1  . ASP A 1 1  ? -10.102 -16.380 -4.343  1.00 0.00 ? 278 ASP A OD1  1 
ATOM 8   O OD2  . ASP A 1 1  ? -11.001 -17.296 -2.614  1.00 0.00 ? 278 ASP A OD2  1 
ATOM 9   H H1   . ASP A 1 1  ? -7.628  -15.060 -0.754  1.00 0.00 ? 278 ASP A H1   1 
ATOM 10  H H2   . ASP A 1 1  ? -9.201  -15.066 -0.160  1.00 0.00 ? 278 ASP A H2   1 
ATOM 11  H H3   . ASP A 1 1  ? -8.659  -16.337 -1.119  1.00 0.00 ? 278 ASP A H3   1 
ATOM 12  H HA   . ASP A 1 1  ? -8.439  -14.866 -3.014  1.00 0.00 ? 278 ASP A HA   1 
ATOM 13  H HB2  . ASP A 1 1  ? -11.067 -15.066 -1.555  1.00 0.00 ? 278 ASP A HB2  1 
ATOM 14  H HB3  . ASP A 1 1  ? -10.967 -14.234 -3.108  1.00 0.00 ? 278 ASP A HB3  1 
ATOM 15  N N    . ASN A 1 2  ? -9.692  -12.594 -0.963  1.00 0.00 ? 279 ASN A N    1 
ATOM 16  C CA   . ASN A 1 2  ? -9.652  -11.131 -0.680  1.00 0.00 ? 279 ASN A CA   1 
ATOM 17  C C    . ASN A 1 2  ? -8.585  -10.851 0.379   1.00 0.00 ? 279 ASN A C    1 
ATOM 18  O O    . ASN A 1 2  ? -8.694  -9.920  1.153   1.00 0.00 ? 279 ASN A O    1 
ATOM 19  C CB   . ASN A 1 2  ? -11.025 -10.672 -0.158  1.00 0.00 ? 279 ASN A CB   1 
ATOM 20  C CG   . ASN A 1 2  ? -11.686 -9.765  -1.189  1.00 0.00 ? 279 ASN A CG   1 
ATOM 21  O OD1  . ASN A 1 2  ? -11.656 -10.034 -2.374  1.00 0.00 ? 279 ASN A OD1  1 
ATOM 22  N ND2  . ASN A 1 2  ? -12.288 -8.691  -0.771  1.00 0.00 ? 279 ASN A ND2  1 
ATOM 23  H H    . ASN A 1 2  ? -10.252 -13.183 -0.415  1.00 0.00 ? 279 ASN A H    1 
ATOM 24  H HA   . ASN A 1 2  ? -9.402  -10.593 -1.593  1.00 0.00 ? 279 ASN A HA   1 
ATOM 25  H HB2  . ASN A 1 2  ? -11.657 -11.535 0.036   1.00 0.00 ? 279 ASN A HB2  1 
ATOM 26  H HB3  . ASN A 1 2  ? -10.902 -10.111 0.759   1.00 0.00 ? 279 ASN A HB3  1 
ATOM 27  H HD21 . ASN A 1 2  ? -12.308 -8.497  0.202   1.00 0.00 ? 279 ASN A HD21 1 
ATOM 28  H HD22 . ASN A 1 2  ? -12.706 -8.068  -1.421  1.00 0.00 ? 279 ASN A HD22 1 
ATOM 29  N N    . PHE A 1 3  ? -7.553  -11.648 0.420   1.00 0.00 ? 280 PHE A N    1 
ATOM 30  C CA   . PHE A 1 3  ? -6.475  -11.387 1.467   1.00 0.00 ? 280 PHE A CA   1 
ATOM 31  C C    . PHE A 1 3  ? -5.583  -10.206 1.037   1.00 0.00 ? 280 PHE A C    1 
ATOM 32  O O    . PHE A 1 3  ? -4.962  -9.572  1.865   1.00 0.00 ? 280 PHE A O    1 
ATOM 33  C CB   . PHE A 1 3  ? -5.547  -12.619 1.774   1.00 0.00 ? 280 PHE A CB   1 
ATOM 34  C CG   . PHE A 1 3  ? -4.597  -12.230 2.882   1.00 0.00 ? 280 PHE A CG   1 
ATOM 35  C CD1  . PHE A 1 3  ? -5.081  -11.574 4.020   1.00 0.00 ? 280 PHE A CD1  1 
ATOM 36  C CD2  . PHE A 1 3  ? -3.234  -12.524 2.771   1.00 0.00 ? 280 PHE A CD2  1 
ATOM 37  C CE1  . PHE A 1 3  ? -4.201  -11.213 5.048   1.00 0.00 ? 280 PHE A CE1  1 
ATOM 38  C CE2  . PHE A 1 3  ? -2.353  -12.163 3.798   1.00 0.00 ? 280 PHE A CE2  1 
ATOM 39  C CZ   . PHE A 1 3  ? -2.836  -11.508 4.936   1.00 0.00 ? 280 PHE A CZ   1 
ATOM 40  H H    . PHE A 1 3  ? -7.504  -12.396 -0.232  1.00 0.00 ? 280 PHE A H    1 
ATOM 41  H HA   . PHE A 1 3  ? -6.969  -11.083 2.380   1.00 0.00 ? 280 PHE A HA   1 
ATOM 42  H HB2  . PHE A 1 3  ? -6.107  -13.507 2.099   1.00 0.00 ? 280 PHE A HB2  1 
ATOM 43  H HB3  . PHE A 1 3  ? -4.968  -12.859 0.904   1.00 0.00 ? 280 PHE A HB3  1 
ATOM 44  H HD1  . PHE A 1 3  ? -6.134  -11.346 4.106   1.00 0.00 ? 280 PHE A HD1  1 
ATOM 45  H HD2  . PHE A 1 3  ? -2.860  -13.031 1.892   1.00 0.00 ? 280 PHE A HD2  1 
ATOM 46  H HE1  . PHE A 1 3  ? -4.574  -10.708 5.926   1.00 0.00 ? 280 PHE A HE1  1 
ATOM 47  H HE2  . PHE A 1 3  ? -1.301  -12.392 3.712   1.00 0.00 ? 280 PHE A HE2  1 
ATOM 48  H HZ   . PHE A 1 3  ? -2.158  -11.230 5.729   1.00 0.00 ? 280 PHE A HZ   1 
ATOM 49  N N    . MET A 1 4  ? -5.502  -9.889  -0.233  1.00 0.00 ? 281 MET A N    1 
ATOM 50  C CA   . MET A 1 4  ? -4.651  -8.750  -0.653  1.00 0.00 ? 281 MET A CA   1 
ATOM 51  C C    . MET A 1 4  ? -5.379  -7.441  -0.364  1.00 0.00 ? 281 MET A C    1 
ATOM 52  O O    . MET A 1 4  ? -4.771  -6.441  -0.038  1.00 0.00 ? 281 MET A O    1 
ATOM 53  C CB   . MET A 1 4  ? -4.347  -8.855  -2.149  1.00 0.00 ? 281 MET A CB   1 
ATOM 54  C CG   . MET A 1 4  ? -3.227  -9.872  -2.374  1.00 0.00 ? 281 MET A CG   1 
ATOM 55  S SD   . MET A 1 4  ? -1.685  -9.235  -1.674  1.00 0.00 ? 281 MET A SD   1 
ATOM 56  C CE   . MET A 1 4  ? -1.055  -8.457  -3.182  1.00 0.00 ? 281 MET A CE   1 
ATOM 57  H H    . MET A 1 4  ? -5.993  -10.384 -0.900  1.00 0.00 ? 281 MET A H    1 
ATOM 58  H HA   . MET A 1 4  ? -3.732  -8.777  -0.094  1.00 0.00 ? 281 MET A HA   1 
ATOM 59  H HB2  . MET A 1 4  ? -5.236  -9.174  -2.674  1.00 0.00 ? 281 MET A HB2  1 
ATOM 60  H HB3  . MET A 1 4  ? -4.037  -7.891  -2.522  1.00 0.00 ? 281 MET A HB3  1 
ATOM 61  H HG2  . MET A 1 4  ? -3.484  -10.803 -1.892  1.00 0.00 ? 281 MET A HG2  1 
ATOM 62  H HG3  . MET A 1 4  ? -3.100  -10.038 -3.434  1.00 0.00 ? 281 MET A HG3  1 
ATOM 63  H HE1  . MET A 1 4  ? -1.831  -7.847  -3.622  1.00 0.00 ? 281 MET A HE1  1 
ATOM 64  H HE2  . MET A 1 4  ? -0.200  -7.841  -2.938  1.00 0.00 ? 281 MET A HE2  1 
ATOM 65  H HE3  . MET A 1 4  ? -0.757  -9.219  -3.884  1.00 0.00 ? 281 MET A HE3  1 
ATOM 66  N N    . LYS A 1 5  ? -6.680  -7.437  -0.468  1.00 0.00 ? 282 LYS A N    1 
ATOM 67  C CA   . LYS A 1 5  ? -7.426  -6.177  -0.178  1.00 0.00 ? 282 LYS A CA   1 
ATOM 68  C C    . LYS A 1 5  ? -6.925  -5.650  1.162   1.00 0.00 ? 282 LYS A C    1 
ATOM 69  O O    . LYS A 1 5  ? -6.768  -4.461  1.354   1.00 0.00 ? 282 LYS A O    1 
ATOM 70  C CB   . LYS A 1 5  ? -8.944  -6.433  -0.089  1.00 0.00 ? 282 LYS A CB   1 
ATOM 71  C CG   . LYS A 1 5  ? -9.726  -5.222  -0.635  1.00 0.00 ? 282 LYS A CG   1 
ATOM 72  C CD   . LYS A 1 5  ? -11.217 -5.566  -0.685  1.00 0.00 ? 282 LYS A CD   1 
ATOM 73  C CE   . LYS A 1 5  ? -12.036 -4.277  -0.761  1.00 0.00 ? 282 LYS A CE   1 
ATOM 74  N NZ   . LYS A 1 5  ? -12.592 -3.961  0.586   1.00 0.00 ? 282 LYS A NZ   1 
ATOM 75  H H    . LYS A 1 5  ? -7.152  -8.256  -0.722  1.00 0.00 ? 282 LYS A H    1 
ATOM 76  H HA   . LYS A 1 5  ? -7.214  -5.447  -0.938  1.00 0.00 ? 282 LYS A HA   1 
ATOM 77  H HB2  . LYS A 1 5  ? -9.220  -7.321  -0.652  1.00 0.00 ? 282 LYS A HB2  1 
ATOM 78  H HB3  . LYS A 1 5  ? -9.195  -6.581  0.941   1.00 0.00 ? 282 LYS A HB3  1 
ATOM 79  H HG2  . LYS A 1 5  ? -9.580  -4.368  0.013   1.00 0.00 ? 282 LYS A HG2  1 
ATOM 80  H HG3  . LYS A 1 5  ? -9.385  -4.980  -1.631  1.00 0.00 ? 282 LYS A HG3  1 
ATOM 81  H HD2  . LYS A 1 5  ? -11.417 -6.173  -1.558  1.00 0.00 ? 282 LYS A HD2  1 
ATOM 82  H HD3  . LYS A 1 5  ? -11.492 -6.114  0.203   1.00 0.00 ? 282 LYS A HD3  1 
ATOM 83  H HE2  . LYS A 1 5  ? -11.403 -3.466  -1.087  1.00 0.00 ? 282 LYS A HE2  1 
ATOM 84  H HE3  . LYS A 1 5  ? -12.847 -4.406  -1.464  1.00 0.00 ? 282 LYS A HE3  1 
ATOM 85  H HZ1  . LYS A 1 5  ? -11.819 -3.839  1.256   1.00 0.00 ? 282 LYS A HZ1  1 
ATOM 86  H HZ2  . LYS A 1 5  ? -13.143 -3.093  0.536   1.00 0.00 ? 282 LYS A HZ2  1 
ATOM 87  H HZ3  . LYS A 1 5  ? -13.197 -4.735  0.898   1.00 0.00 ? 282 LYS A HZ3  1 
ATOM 88  N N    . ASP A 1 6  ? -6.648  -6.529  2.086   1.00 0.00 ? 283 ASP A N    1 
ATOM 89  C CA   . ASP A 1 6  ? -6.132  -6.075  3.393   1.00 0.00 ? 283 ASP A CA   1 
ATOM 90  C C    . ASP A 1 6  ? -4.706  -5.564  3.191   1.00 0.00 ? 283 ASP A C    1 
ATOM 91  O O    . ASP A 1 6  ? -4.335  -4.537  3.723   1.00 0.00 ? 283 ASP A O    1 
ATOM 92  C CB   . ASP A 1 6  ? -6.158  -7.214  4.426   1.00 0.00 ? 283 ASP A CB   1 
ATOM 93  C CG   . ASP A 1 6  ? -6.042  -6.624  5.832   1.00 0.00 ? 283 ASP A CG   1 
ATOM 94  O OD1  . ASP A 1 6  ? -5.781  -5.437  5.936   1.00 0.00 ? 283 ASP A OD1  1 
ATOM 95  O OD2  . ASP A 1 6  ? -6.218  -7.369  6.782   1.00 0.00 ? 283 ASP A OD2  1 
ATOM 96  H H    . ASP A 1 6  ? -6.764  -7.477  1.912   1.00 0.00 ? 283 ASP A H    1 
ATOM 97  H HA   . ASP A 1 6  ? -6.749  -5.264  3.740   1.00 0.00 ? 283 ASP A HA   1 
ATOM 98  H HB2  . ASP A 1 6  ? -7.088  -7.757  4.342   1.00 0.00 ? 283 ASP A HB2  1 
ATOM 99  H HB3  . ASP A 1 6  ? -5.332  -7.889  4.256   1.00 0.00 ? 283 ASP A HB3  1 
ATOM 100 N N    . VAL A 1 7  ? -3.893  -6.249  2.415   1.00 0.00 ? 284 VAL A N    1 
ATOM 101 C CA   . VAL A 1 7  ? -2.538  -5.755  2.201   1.00 0.00 ? 284 VAL A CA   1 
ATOM 102 C C    . VAL A 1 7  ? -2.596  -4.501  1.358   1.00 0.00 ? 284 VAL A C    1 
ATOM 103 O O    . VAL A 1 7  ? -2.049  -3.517  1.735   1.00 0.00 ? 284 VAL A O    1 
ATOM 104 C CB   . VAL A 1 7  ? -1.669  -6.820  1.556   1.00 0.00 ? 284 VAL A CB   1 
ATOM 105 C CG1  . VAL A 1 7  ? -0.427  -6.167  0.908   1.00 0.00 ? 284 VAL A CG1  1 
ATOM 106 C CG2  . VAL A 1 7  ? -1.260  -7.810  2.659   1.00 0.00 ? 284 VAL A CG2  1 
ATOM 107 H H    . VAL A 1 7  ? -4.170  -7.063  1.979   1.00 0.00 ? 284 VAL A H    1 
ATOM 108 H HA   . VAL A 1 7  ? -2.128  -5.513  3.140   1.00 0.00 ? 284 VAL A HA   1 
ATOM 109 H HB   . VAL A 1 7  ? -2.237  -7.329  0.808   1.00 0.00 ? 284 VAL A HB   1 
ATOM 110 H HG11 . VAL A 1 7  ? -0.746  -5.438  0.171   1.00 0.00 ? 284 VAL A HG11 1 
ATOM 111 H HG12 . VAL A 1 7  ? 0.160   -5.668  1.667   1.00 0.00 ? 284 VAL A HG12 1 
ATOM 112 H HG13 . VAL A 1 7  ? 0.174   -6.920  0.425   1.00 0.00 ? 284 VAL A HG13 1 
ATOM 113 H HG21 . VAL A 1 7  ? -1.103  -7.271  3.585   1.00 0.00 ? 284 VAL A HG21 1 
ATOM 114 H HG22 . VAL A 1 7  ? -2.048  -8.538  2.803   1.00 0.00 ? 284 VAL A HG22 1 
ATOM 115 H HG23 . VAL A 1 7  ? -0.350  -8.315  2.380   1.00 0.00 ? 284 VAL A HG23 1 
ATOM 116 N N    . LEU A 1 8  ? -3.261  -4.502  0.232   1.00 0.00 ? 285 LEU A N    1 
ATOM 117 C CA   . LEU A 1 8  ? -3.302  -3.245  -0.564  1.00 0.00 ? 285 LEU A CA   1 
ATOM 118 C C    . LEU A 1 8  ? -3.696  -2.117  0.383   1.00 0.00 ? 285 LEU A C    1 
ATOM 119 O O    . LEU A 1 8  ? -3.308  -0.976  0.233   1.00 0.00 ? 285 LEU A O    1 
ATOM 120 C CB   . LEU A 1 8  ? -4.310  -3.341  -1.720  1.00 0.00 ? 285 LEU A CB   1 
ATOM 121 C CG   . LEU A 1 8  ? -3.560  -3.577  -3.043  1.00 0.00 ? 285 LEU A CG   1 
ATOM 122 C CD1  . LEU A 1 8  ? -4.572  -3.704  -4.184  1.00 0.00 ? 285 LEU A CD1  1 
ATOM 123 C CD2  . LEU A 1 8  ? -2.613  -2.405  -3.342  1.00 0.00 ? 285 LEU A CD2  1 
ATOM 124 H H    . LEU A 1 8  ? -3.725  -5.298  -0.071  1.00 0.00 ? 285 LEU A H    1 
ATOM 125 H HA   . LEU A 1 8  ? -2.320  -3.060  -0.943  1.00 0.00 ? 285 LEU A HA   1 
ATOM 126 H HB2  . LEU A 1 8  ? -4.995  -4.172  -1.545  1.00 0.00 ? 285 LEU A HB2  1 
ATOM 127 H HB3  . LEU A 1 8  ? -4.868  -2.409  -1.781  1.00 0.00 ? 285 LEU A HB3  1 
ATOM 128 H HG   . LEU A 1 8  ? -2.991  -4.493  -2.971  1.00 0.00 ? 285 LEU A HG   1 
ATOM 129 H HD11 . LEU A 1 8  ? -5.511  -4.070  -3.795  1.00 0.00 ? 285 LEU A HD11 1 
ATOM 130 H HD12 . LEU A 1 8  ? -4.723  -2.736  -4.640  1.00 0.00 ? 285 LEU A HD12 1 
ATOM 131 H HD13 . LEU A 1 8  ? -4.195  -4.395  -4.923  1.00 0.00 ? 285 LEU A HD13 1 
ATOM 132 H HD21 . LEU A 1 8  ? -2.437  -1.839  -2.441  1.00 0.00 ? 285 LEU A HD21 1 
ATOM 133 H HD22 . LEU A 1 8  ? -1.671  -2.789  -3.715  1.00 0.00 ? 285 LEU A HD22 1 
ATOM 134 H HD23 . LEU A 1 8  ? -3.055  -1.764  -4.092  1.00 0.00 ? 285 LEU A HD23 1 
ATOM 135 N N    . ARG A 1 9  ? -4.439  -2.472  1.381   1.00 0.00 ? 286 ARG A N    1 
ATOM 136 C CA   . ARG A 1 9  ? -4.867  -1.513  2.406   1.00 0.00 ? 286 ARG A CA   1 
ATOM 137 C C    . ARG A 1 9  ? -3.679  -1.237  3.334   1.00 0.00 ? 286 ARG A C    1 
ATOM 138 O O    . ARG A 1 9  ? -3.256  -0.115  3.528   1.00 0.00 ? 286 ARG A O    1 
ATOM 139 C CB   . ARG A 1 9  ? -6.017  -2.115  3.192   1.00 0.00 ? 286 ARG A CB   1 
ATOM 140 C CG   . ARG A 1 9  ? -6.712  -1.024  3.998   1.00 0.00 ? 286 ARG A CG   1 
ATOM 141 C CD   . ARG A 1 9  ? -6.901  0.250   3.169   1.00 0.00 ? 286 ARG A CD   1 
ATOM 142 N NE   . ARG A 1 9  ? -8.165  0.927   3.578   1.00 0.00 ? 286 ARG A NE   1 
ATOM 143 C CZ   . ARG A 1 9  ? -8.363  1.237   4.829   1.00 0.00 ? 286 ARG A CZ   1 
ATOM 144 N NH1  . ARG A 1 9  ? -7.793  2.297   5.336   1.00 0.00 ? 286 ARG A NH1  1 
ATOM 145 N NH2  . ARG A 1 9  ? -9.129  0.489   5.574   1.00 0.00 ? 286 ARG A NH2  1 
ATOM 146 H H    . ARG A 1 9  ? -4.697  -3.391  1.463   1.00 0.00 ? 286 ARG A H    1 
ATOM 147 H HA   . ARG A 1 9  ? -5.193  -0.630  1.941   1.00 0.00 ? 286 ARG A HA   1 
ATOM 148 H HB2  . ARG A 1 9  ? -6.723  -2.564  2.509   1.00 0.00 ? 286 ARG A HB2  1 
ATOM 149 H HB3  . ARG A 1 9  ? -5.638  -2.870  3.865   1.00 0.00 ? 286 ARG A HB3  1 
ATOM 150 H HG2  . ARG A 1 9  ? -7.666  -1.381  4.294   1.00 0.00 ? 286 ARG A HG2  1 
ATOM 151 H HG3  . ARG A 1 9  ? -6.122  -0.802  4.869   1.00 0.00 ? 286 ARG A HG3  1 
ATOM 152 H HD2  . ARG A 1 9  ? -6.068  0.916   3.337   1.00 0.00 ? 286 ARG A HD2  1 
ATOM 153 H HD3  . ARG A 1 9  ? -6.953  -0.006  2.121   1.00 0.00 ? 286 ARG A HD3  1 
ATOM 154 H HE   . ARG A 1 9  ? -8.882  1.148   2.873   1.00 0.00 ? 286 ARG A HE   1 
ATOM 155 H HH11 . ARG A 1 9  ? -7.207  2.871   4.766   1.00 0.00 ? 286 ARG A HH11 1 
ATOM 156 H HH12 . ARG A 1 9  ? -7.946  2.535   6.296   1.00 0.00 ? 286 ARG A HH12 1 
ATOM 157 H HH21 . ARG A 1 9  ? -9.565  -0.323  5.186   1.00 0.00 ? 286 ARG A HH21 1 
ATOM 158 H HH22 . ARG A 1 9  ? -9.281  0.727   6.534   1.00 0.00 ? 286 ARG A HH22 1 
ATOM 159 N N    . LEU A 1 10 ? -3.124  -2.288  3.864   1.00 0.00 ? 287 LEU A N    1 
ATOM 160 C CA   . LEU A 1 10 ? -1.921  -2.191  4.753   1.00 0.00 ? 287 LEU A CA   1 
ATOM 161 C C    . LEU A 1 10 ? -0.779  -1.579  3.954   1.00 0.00 ? 287 LEU A C    1 
ATOM 162 O O    . LEU A 1 10 ? 0.135   -0.974  4.475   1.00 0.00 ? 287 LEU A O    1 
ATOM 163 C CB   . LEU A 1 10 ? -1.499  -3.604  5.099   1.00 0.00 ? 287 LEU A CB   1 
ATOM 164 C CG   . LEU A 1 10 ? -1.928  -4.033  6.497   1.00 0.00 ? 287 LEU A CG   1 
ATOM 165 C CD1  . LEU A 1 10 ? -3.393  -3.658  6.728   1.00 0.00 ? 287 LEU A CD1  1 
ATOM 166 C CD2  . LEU A 1 10 ? -1.756  -5.560  6.588   1.00 0.00 ? 287 LEU A CD2  1 
ATOM 167 H H    . LEU A 1 10 ? -3.486  -3.171  3.644   1.00 0.00 ? 287 LEU A H    1 
ATOM 168 H HA   . LEU A 1 10 ? -2.119  -1.634  5.637   1.00 0.00 ? 287 LEU A HA   1 
ATOM 169 H HB2  . LEU A 1 10 ? -1.967  -4.256  4.393   1.00 0.00 ? 287 LEU A HB2  1 
ATOM 170 H HB3  . LEU A 1 10 ? -0.420  -3.678  5.015   1.00 0.00 ? 287 LEU A HB3  1 
ATOM 171 H HG   . LEU A 1 10 ? -1.305  -3.551  7.235   1.00 0.00 ? 287 LEU A HG   1 
ATOM 172 H HD11 . LEU A 1 10 ? -3.764  -3.108  5.877   1.00 0.00 ? 287 LEU A HD11 1 
ATOM 173 H HD12 . LEU A 1 10 ? -3.978  -4.558  6.858   1.00 0.00 ? 287 LEU A HD12 1 
ATOM 174 H HD13 . LEU A 1 10 ? -3.473  -3.048  7.616   1.00 0.00 ? 287 LEU A HD13 1 
ATOM 175 H HD21 . LEU A 1 10 ? -1.619  -5.967  5.592   1.00 0.00 ? 287 LEU A HD21 1 
ATOM 176 H HD22 . LEU A 1 10 ? -0.888  -5.794  7.187   1.00 0.00 ? 287 LEU A HD22 1 
ATOM 177 H HD23 . LEU A 1 10 ? -2.634  -6.001  7.033   1.00 0.00 ? 287 LEU A HD23 1 
ATOM 178 N N    . ILE A 1 11 ? -0.829  -1.804  2.684   1.00 0.00 ? 288 ILE A N    1 
ATOM 179 C CA   . ILE A 1 11 ? 0.205   -1.349  1.763   1.00 0.00 ? 288 ILE A CA   1 
ATOM 180 C C    . ILE A 1 11 ? 0.175   0.167   1.691   1.00 0.00 ? 288 ILE A C    1 
ATOM 181 O O    . ILE A 1 11 ? 1.185   0.825   1.843   1.00 0.00 ? 288 ILE A O    1 
ATOM 182 C CB   . ILE A 1 11 ? -0.075  -2.011  0.386   1.00 0.00 ? 288 ILE A CB   1 
ATOM 183 C CG1  . ILE A 1 11 ? 0.885   -3.194  0.151   1.00 0.00 ? 288 ILE A CG1  1 
ATOM 184 C CG2  . ILE A 1 11 ? 0.080   -1.030  -0.766  1.00 0.00 ? 288 ILE A CG2  1 
ATOM 185 C CD1  . ILE A 1 11 ? 0.893   -3.538  -1.338  1.00 0.00 ? 288 ILE A CD1  1 
ATOM 186 H H    . ILE A 1 11 ? -1.556  -2.322  2.328   1.00 0.00 ? 288 ILE A H    1 
ATOM 187 H HA   . ILE A 1 11 ? 1.137   -1.671  2.136   1.00 0.00 ? 288 ILE A HA   1 
ATOM 188 H HB   . ILE A 1 11 ? -1.083  -2.377  0.372   1.00 0.00 ? 288 ILE A HB   1 
ATOM 189 H HG12 . ILE A 1 11 ? 1.885   -2.927  0.460   1.00 0.00 ? 288 ILE A HG12 1 
ATOM 190 H HG13 . ILE A 1 11 ? 0.552   -4.055  0.710   1.00 0.00 ? 288 ILE A HG13 1 
ATOM 191 H HG21 . ILE A 1 11 ? -0.371  -0.090  -0.514  1.00 0.00 ? 288 ILE A HG21 1 
ATOM 192 H HG22 . ILE A 1 11 ? 1.125   -0.906  -0.968  1.00 0.00 ? 288 ILE A HG22 1 
ATOM 193 H HG23 . ILE A 1 11 ? -0.404  -1.444  -1.636  1.00 0.00 ? 288 ILE A HG23 1 
ATOM 194 H HD11 . ILE A 1 11 ? -0.109  -3.429  -1.727  1.00 0.00 ? 288 ILE A HD11 1 
ATOM 195 H HD12 . ILE A 1 11 ? 1.550   -2.851  -1.853  1.00 0.00 ? 288 ILE A HD12 1 
ATOM 196 H HD13 . ILE A 1 11 ? 1.233   -4.546  -1.476  1.00 0.00 ? 288 ILE A HD13 1 
ATOM 197 N N    . GLU A 1 12 ? -0.980  0.726   1.465   1.00 0.00 ? 289 GLU A N    1 
ATOM 198 C CA   . GLU A 1 12 ? -1.067  2.202   1.393   1.00 0.00 ? 289 GLU A CA   1 
ATOM 199 C C    . GLU A 1 12 ? -0.309  2.764   2.591   1.00 0.00 ? 289 GLU A C    1 
ATOM 200 O O    . GLU A 1 12 ? 0.205   3.861   2.568   1.00 0.00 ? 289 GLU A O    1 
ATOM 201 C CB   . GLU A 1 12 ? -2.529  2.643   1.443   1.00 0.00 ? 289 GLU A CB   1 
ATOM 202 C CG   . GLU A 1 12 ? -2.650  4.076   0.921   1.00 0.00 ? 289 GLU A CG   1 
ATOM 203 C CD   . GLU A 1 12 ? -2.562  5.055   2.094   1.00 0.00 ? 289 GLU A CD   1 
ATOM 204 O OE1  . GLU A 1 12 ? -2.234  4.617   3.184   1.00 0.00 ? 289 GLU A OE1  1 
ATOM 205 O OE2  . GLU A 1 12 ? -2.822  6.228   1.882   1.00 0.00 ? 289 GLU A OE2  1 
ATOM 206 H H    . GLU A 1 12 ? -1.784  0.175   1.349   1.00 0.00 ? 289 GLU A H    1 
ATOM 207 H HA   . GLU A 1 12 ? -0.611  2.537   0.475   1.00 0.00 ? 289 GLU A HA   1 
ATOM 208 H HB2  . GLU A 1 12 ? -3.125  1.983   0.830   1.00 0.00 ? 289 GLU A HB2  1 
ATOM 209 H HB3  . GLU A 1 12 ? -2.878  2.603   2.460   1.00 0.00 ? 289 GLU A HB3  1 
ATOM 210 H HG2  . GLU A 1 12 ? -1.849  4.275   0.225   1.00 0.00 ? 289 GLU A HG2  1 
ATOM 211 H HG3  . GLU A 1 12 ? -3.601  4.200   0.424   1.00 0.00 ? 289 GLU A HG3  1 
ATOM 212 N N    . GLN A 1 13 ? -0.226  1.990   3.637   1.00 0.00 ? 290 GLN A N    1 
ATOM 213 C CA   . GLN A 1 13 ? 0.500   2.405   4.833   1.00 0.00 ? 290 GLN A CA   1 
ATOM 214 C C    . GLN A 1 13 ? 2.000   2.155   4.620   1.00 0.00 ? 290 GLN A C    1 
ATOM 215 O O    . GLN A 1 13 ? 2.835   2.988   4.911   1.00 0.00 ? 290 GLN A O    1 
ATOM 216 C CB   . GLN A 1 13 ? 0.005   1.546   5.981   1.00 0.00 ? 290 GLN A CB   1 
ATOM 217 C CG   . GLN A 1 13 ? 0.476   2.127   7.314   1.00 0.00 ? 290 GLN A CG   1 
ATOM 218 C CD   . GLN A 1 13 ? 1.954   1.794   7.524   1.00 0.00 ? 290 GLN A CD   1 
ATOM 219 O OE1  . GLN A 1 13 ? 2.355   0.654   7.399   1.00 0.00 ? 290 GLN A OE1  1 
ATOM 220 N NE2  . GLN A 1 13 ? 2.787   2.746   7.839   1.00 0.00 ? 290 GLN A NE2  1 
ATOM 221 H H    . GLN A 1 13 ? -0.637  1.112   3.636   1.00 0.00 ? 290 GLN A H    1 
ATOM 222 H HA   . GLN A 1 13 ? 0.310   3.427   5.040   1.00 0.00 ? 290 GLN A HA   1 
ATOM 223 H HB2  . GLN A 1 13 ? -1.079  1.488   5.960   1.00 0.00 ? 290 GLN A HB2  1 
ATOM 224 H HB3  . GLN A 1 13 ? 0.405   0.569   5.851   1.00 0.00 ? 290 GLN A HB3  1 
ATOM 225 H HG2  . GLN A 1 13 ? 0.346   3.200   7.305   1.00 0.00 ? 290 GLN A HG2  1 
ATOM 226 H HG3  . GLN A 1 13 ? -0.104  1.701   8.118   1.00 0.00 ? 290 GLN A HG3  1 
ATOM 227 H HE21 . GLN A 1 13 ? 2.453   3.680   7.941   1.00 0.00 ? 290 GLN A HE21 1 
ATOM 228 H HE22 . GLN A 1 13 ? 3.750   2.534   7.976   1.00 0.00 ? 290 GLN A HE22 1 
ATOM 229 N N    . TYR A 1 14 ? 2.336   0.978   4.150   1.00 0.00 ? 291 TYR A N    1 
ATOM 230 C CA   . TYR A 1 14 ? 3.761   0.599   3.944   1.00 0.00 ? 291 TYR A CA   1 
ATOM 231 C C    . TYR A 1 14 ? 4.358   1.156   2.664   1.00 0.00 ? 291 TYR A C    1 
ATOM 232 O O    . TYR A 1 14 ? 5.405   1.773   2.683   1.00 0.00 ? 291 TYR A O    1 
ATOM 233 C CB   . TYR A 1 14 ? 3.850   -0.934  3.881   1.00 0.00 ? 291 TYR A CB   1 
ATOM 234 C CG   . TYR A 1 14 ? 5.292   -1.349  4.007   1.00 0.00 ? 291 TYR A CG   1 
ATOM 235 C CD1  . TYR A 1 14 ? 6.103   -0.763  4.978   1.00 0.00 ? 291 TYR A CD1  1 
ATOM 236 C CD2  . TYR A 1 14 ? 5.817   -2.317  3.140   1.00 0.00 ? 291 TYR A CD2  1 
ATOM 237 C CE1  . TYR A 1 14 ? 7.445   -1.147  5.094   1.00 0.00 ? 291 TYR A CE1  1 
ATOM 238 C CE2  . TYR A 1 14 ? 7.158   -2.701  3.252   1.00 0.00 ? 291 TYR A CE2  1 
ATOM 239 C CZ   . TYR A 1 14 ? 7.972   -2.115  4.231   1.00 0.00 ? 291 TYR A CZ   1 
ATOM 240 O OH   . TYR A 1 14 ? 9.295   -2.495  4.344   1.00 0.00 ? 291 TYR A OH   1 
ATOM 241 H H    . TYR A 1 14 ? 1.597   0.300   3.917   1.00 0.00 ? 291 TYR A H    1 
ATOM 242 H HA   . TYR A 1 14 ? 4.345   0.962   4.769   1.00 0.00 ? 291 TYR A HA   1 
ATOM 243 H HB2  . TYR A 1 14 ? 3.253   -1.373  4.664   1.00 0.00 ? 291 TYR A HB2  1 
ATOM 244 H HB3  . TYR A 1 14 ? 3.478   -1.287  2.939   1.00 0.00 ? 291 TYR A HB3  1 
ATOM 245 H HD1  . TYR A 1 14 ? 5.694   -0.013  5.633   1.00 0.00 ? 291 TYR A HD1  1 
ATOM 246 H HD2  . TYR A 1 14 ? 5.187   -2.761  2.375   1.00 0.00 ? 291 TYR A HD2  1 
ATOM 247 H HE1  . TYR A 1 14 ? 8.074   -0.693  5.847   1.00 0.00 ? 291 TYR A HE1  1 
ATOM 248 H HE2  . TYR A 1 14 ? 7.565   -3.448  2.587   1.00 0.00 ? 291 TYR A HE2  1 
ATOM 249 H HH   . TYR A 1 14 ? 9.471   -2.684  5.269   1.00 0.00 ? 291 TYR A HH   1 
ATOM 250 N N    . VAL A 1 15 ? 3.765   0.893   1.547   1.00 0.00 ? 292 VAL A N    1 
ATOM 251 C CA   . VAL A 1 15 ? 4.377   1.350   0.294   1.00 0.00 ? 292 VAL A CA   1 
ATOM 252 C C    . VAL A 1 15 ? 4.268   2.865   0.194   1.00 0.00 ? 292 VAL A C    1 
ATOM 253 O O    . VAL A 1 15 ? 5.116   3.517   -0.385  1.00 0.00 ? 292 VAL A O    1 
ATOM 254 C CB   . VAL A 1 15 ? 3.733   0.569   -0.852  1.00 0.00 ? 292 VAL A CB   1 
ATOM 255 C CG1  . VAL A 1 15 ? 3.671   -0.891  -0.391  1.00 0.00 ? 292 VAL A CG1  1 
ATOM 256 C CG2  . VAL A 1 15 ? 2.310   1.043   -1.137  1.00 0.00 ? 292 VAL A CG2  1 
ATOM 257 H H    . VAL A 1 15 ? 2.946   0.357   1.523   1.00 0.00 ? 292 VAL A H    1 
ATOM 258 H HA   . VAL A 1 15 ? 5.427   1.098   0.329   1.00 0.00 ? 292 VAL A HA   1 
ATOM 259 H HB   . VAL A 1 15 ? 4.345   0.649   -1.741  1.00 0.00 ? 292 VAL A HB   1 
ATOM 260 H HG11 . VAL A 1 15 ? 4.477   -1.078  0.309   1.00 0.00 ? 292 VAL A HG11 1 
ATOM 261 H HG12 . VAL A 1 15 ? 2.727   -1.068  0.108   1.00 0.00 ? 292 VAL A HG12 1 
ATOM 262 H HG13 . VAL A 1 15 ? 3.766   -1.547  -1.235  1.00 0.00 ? 292 VAL A HG13 1 
ATOM 263 H HG21 . VAL A 1 15 ? 2.304   2.102   -1.312  1.00 0.00 ? 292 VAL A HG21 1 
ATOM 264 H HG22 . VAL A 1 15 ? 1.936   0.528   -2.016  1.00 0.00 ? 292 VAL A HG22 1 
ATOM 265 H HG23 . VAL A 1 15 ? 1.676   0.804   -0.294  1.00 0.00 ? 292 VAL A HG23 1 
ATOM 266 N N    . SER A 1 16 ? 3.273   3.450   0.799   1.00 0.00 ? 293 SER A N    1 
ATOM 267 C CA   . SER A 1 16 ? 3.188   4.929   0.775   1.00 0.00 ? 293 SER A CA   1 
ATOM 268 C C    . SER A 1 16 ? 4.337   5.541   1.615   1.00 0.00 ? 293 SER A C    1 
ATOM 269 O O    . SER A 1 16 ? 4.693   6.684   1.409   1.00 0.00 ? 293 SER A O    1 
ATOM 270 C CB   . SER A 1 16 ? 1.847   5.384   1.346   1.00 0.00 ? 293 SER A CB   1 
ATOM 271 O OG   . SER A 1 16 ? 1.678   6.774   1.099   1.00 0.00 ? 293 SER A OG   1 
ATOM 272 H H    . SER A 1 16 ? 2.604   2.922   1.286   1.00 0.00 ? 293 SER A H    1 
ATOM 273 H HA   . SER A 1 16 ? 3.274   5.273   -0.247  1.00 0.00 ? 293 SER A HA   1 
ATOM 274 H HB2  . SER A 1 16 ? 1.047   4.840   0.870   1.00 0.00 ? 293 SER A HB2  1 
ATOM 275 H HB3  . SER A 1 16 ? 1.826   5.193   2.410   1.00 0.00 ? 293 SER A HB3  1 
ATOM 276 H HG   . SER A 1 16 ? 1.302   6.875   0.222   1.00 0.00 ? 293 SER A HG   1 
ATOM 277 N N    . SER A 1 17 ? 4.941   4.818   2.557   1.00 0.00 ? 294 SER A N    1 
ATOM 278 C CA   . SER A 1 17 ? 6.047   5.443   3.340   1.00 0.00 ? 294 SER A CA   1 
ATOM 279 C C    . SER A 1 17 ? 7.303   5.479   2.471   1.00 0.00 ? 294 SER A C    1 
ATOM 280 O O    . SER A 1 17 ? 8.056   6.433   2.476   1.00 0.00 ? 294 SER A O    1 
ATOM 281 C CB   . SER A 1 17 ? 6.316   4.616   4.597   1.00 0.00 ? 294 SER A CB   1 
ATOM 282 O OG   . SER A 1 17 ? 7.703   4.672   4.907   1.00 0.00 ? 294 SER A OG   1 
ATOM 283 H H    . SER A 1 17 ? 4.683   3.881   2.750   1.00 0.00 ? 294 SER A H    1 
ATOM 284 H HA   . SER A 1 17 ? 5.771   6.450   3.619   1.00 0.00 ? 294 SER A HA   1 
ATOM 285 H HB2  . SER A 1 17 ? 5.753   5.018   5.422   1.00 0.00 ? 294 SER A HB2  1 
ATOM 286 H HB3  . SER A 1 17 ? 6.016   3.590   4.424   1.00 0.00 ? 294 SER A HB3  1 
ATOM 287 H HG   . SER A 1 17 ? 7.799   5.104   5.759   1.00 0.00 ? 294 SER A HG   1 
ATOM 288 N N    . HIS A 1 18 ? 7.513   4.449   1.705   1.00 0.00 ? 295 HIS A N    1 
ATOM 289 C CA   . HIS A 1 18 ? 8.705   4.408   0.798   1.00 0.00 ? 295 HIS A CA   1 
ATOM 290 C C    . HIS A 1 18 ? 8.283   4.950   -0.570  1.00 0.00 ? 295 HIS A C    1 
ATOM 291 O O    . HIS A 1 18 ? 8.541   4.345   -1.591  1.00 0.00 ? 295 HIS A O    1 
ATOM 292 C CB   . HIS A 1 18 ? 9.237   2.958   0.623   1.00 0.00 ? 295 HIS A CB   1 
ATOM 293 C CG   . HIS A 1 18 ? 10.678  3.013   0.198   1.00 0.00 ? 295 HIS A CG   1 
ATOM 294 N ND1  . HIS A 1 18 ? 11.262  4.173   -0.290  1.00 0.00 ? 295 HIS A ND1  1 
ATOM 295 C CD2  . HIS A 1 18 ? 11.667  2.060   0.181   1.00 0.00 ? 295 HIS A CD2  1 
ATOM 296 C CE1  . HIS A 1 18 ? 12.546  3.891   -0.576  1.00 0.00 ? 295 HIS A CE1  1 
ATOM 297 N NE2  . HIS A 1 18 ? 12.845  2.617   -0.307  1.00 0.00 ? 295 HIS A NE2  1 
ATOM 298 H H    . HIS A 1 18 ? 6.867   3.714   1.710   1.00 0.00 ? 295 HIS A H    1 
ATOM 299 H HA   . HIS A 1 18 ? 9.491   5.049   1.204   1.00 0.00 ? 295 HIS A HA   1 
ATOM 300 H HB2  . HIS A 1 18 ? 9.162   2.389   1.551   1.00 0.00 ? 295 HIS A HB2  1 
ATOM 301 H HB3  . HIS A 1 18 ? 8.663   2.456   -0.147  1.00 0.00 ? 295 HIS A HB3  1 
ATOM 302 H HD1  . HIS A 1 18 ? 10.819  5.038   -0.405  1.00 0.00 ? 295 HIS A HD1  1 
ATOM 303 H HD2  . HIS A 1 18 ? 11.549  1.035   0.500   1.00 0.00 ? 295 HIS A HD2  1 
ATOM 304 H HE1  . HIS A 1 18 ? 13.249  4.606   -0.975  1.00 0.00 ? 295 HIS A HE1  1 
ATOM 305 H HE2  . HIS A 1 18 ? 13.753  2.148   -0.434  1.00 0.00 ? 295 HIS A HE2  1 
ATOM 306 N N    . THR A 1 19 ? 7.634   6.083   -0.602  1.00 0.00 ? 296 THR A N    1 
ATOM 307 C CA   . THR A 1 19 ? 7.196   6.654   -1.924  1.00 0.00 ? 296 THR A CA   1 
ATOM 308 C C    . THR A 1 19 ? 6.954   8.154   -1.748  1.00 0.00 ? 296 THR A C    1 
ATOM 309 O O    . THR A 1 19 ? 5.937   8.573   -1.229  1.00 0.00 ? 296 THR A O    1 
ATOM 310 C CB   . THR A 1 19 ? 5.870   5.987   -2.389  1.00 0.00 ? 296 THR A CB   1 
ATOM 311 O OG1  . THR A 1 19 ? 4.968   5.953   -1.294  1.00 0.00 ? 296 THR A OG1  1 
ATOM 312 C CG2  . THR A 1 19 ? 6.067   4.541   -2.916  1.00 0.00 ? 296 THR A CG2  1 
ATOM 313 H H    . THR A 1 19 ? 7.433   6.569   0.249   1.00 0.00 ? 296 THR A H    1 
ATOM 314 H HA   . THR A 1 19 ? 7.979   6.515   -2.673  1.00 0.00 ? 296 THR A HA   1 
ATOM 315 H HB   . THR A 1 19 ? 5.437   6.589   -3.175  1.00 0.00 ? 296 THR A HB   1 
ATOM 316 H HG1  . THR A 1 19 ? 5.103   6.749   -0.773  1.00 0.00 ? 296 THR A HG1  1 
ATOM 317 H HG21 . THR A 1 19 ? 5.097   4.105   -3.148  1.00 0.00 ? 296 THR A HG21 1 
ATOM 318 H HG22 . THR A 1 19 ? 6.667   4.551   -3.814  1.00 0.00 ? 296 THR A HG22 1 
ATOM 319 H HG23 . THR A 1 19 ? 6.552   3.934   -2.165  1.00 0.00 ? 296 THR A HG23 1 
ATOM 320 N N    . HIS A 1 20 ? 7.880   8.968   -2.176  1.00 0.00 ? 297 HIS A N    1 
ATOM 321 C CA   . HIS A 1 20 ? 7.702   10.441  -2.034  1.00 0.00 ? 297 HIS A CA   1 
ATOM 322 C C    . HIS A 1 20 ? 7.662   11.085  -3.421  1.00 0.00 ? 297 HIS A C    1 
ATOM 323 O O    . HIS A 1 20 ? 7.770   12.287  -3.561  1.00 0.00 ? 297 HIS A O    1 
ATOM 324 C CB   . HIS A 1 20 ? 8.870   11.022  -1.234  1.00 0.00 ? 297 HIS A CB   1 
ATOM 325 C CG   . HIS A 1 20 ? 8.436   12.296  -0.566  1.00 0.00 ? 297 HIS A CG   1 
ATOM 326 N ND1  . HIS A 1 20 ? 9.330   13.131  0.084   1.00 0.00 ? 297 HIS A ND1  1 
ATOM 327 C CD2  . HIS A 1 20 ? 7.206   12.891  -0.437  1.00 0.00 ? 297 HIS A CD2  1 
ATOM 328 C CE1  . HIS A 1 20 ? 8.632   14.173  0.571   1.00 0.00 ? 297 HIS A CE1  1 
ATOM 329 N NE2  . HIS A 1 20 ? 7.333   14.077  0.280   1.00 0.00 ? 297 HIS A NE2  1 
ATOM 330 H H    . HIS A 1 20 ? 8.693   8.610   -2.592  1.00 0.00 ? 297 HIS A H    1 
ATOM 331 H HA   . HIS A 1 20 ? 6.775   10.643  -1.516  1.00 0.00 ? 297 HIS A HA   1 
ATOM 332 H HB2  . HIS A 1 20 ? 9.182   10.308  -0.485  1.00 0.00 ? 297 HIS A HB2  1 
ATOM 333 H HB3  . HIS A 1 20 ? 9.695   11.227  -1.901  1.00 0.00 ? 297 HIS A HB3  1 
ATOM 334 H HD1  . HIS A 1 20 ? 10.296  12.989  0.174   1.00 0.00 ? 297 HIS A HD1  1 
ATOM 335 H HD2  . HIS A 1 20 ? 6.280   12.499  -0.833  1.00 0.00 ? 297 HIS A HD2  1 
ATOM 336 H HE1  . HIS A 1 20 ? 9.070   14.989  1.127   1.00 0.00 ? 297 HIS A HE1  1 
ATOM 337 H HE2  . HIS A 1 20 ? 6.585   14.739  0.534   1.00 0.00 ? 297 HIS A HE2  1 
ATOM 338 N N    . ALA A 1 21 ? 7.510   10.295  -4.448  1.00 0.00 ? 298 ALA A N    1 
ATOM 339 C CA   . ALA A 1 21 ? 7.464   10.881  -5.841  1.00 0.00 ? 298 ALA A CA   1 
ATOM 340 C C    . ALA A 1 21 ? 6.402   10.141  -6.658  1.00 0.00 ? 298 ALA A C    1 
ATOM 341 O O    . ALA A 1 21 ? 6.674   9.131   -7.276  1.00 0.00 ? 298 ALA A O    1 
ATOM 342 C CB   . ALA A 1 21 ? 8.838   10.706  -6.520  1.00 0.00 ? 298 ALA A CB   1 
ATOM 343 H H    . ALA A 1 21 ? 7.424   9.307   -4.304  1.00 0.00 ? 298 ALA A H    1 
ATOM 344 H HA   . ALA A 1 21 ? 7.203   11.955  -5.798  1.00 0.00 ? 298 ALA A HA   1 
ATOM 345 H HB1  . ALA A 1 21 ? 9.625   10.992  -5.835  1.00 0.00 ? 298 ALA A HB1  1 
ATOM 346 H HB2  . ALA A 1 21 ? 8.973   9.671   -6.807  1.00 0.00 ? 298 ALA A HB2  1 
ATOM 347 H HB3  . ALA A 1 21 ? 8.891   11.328  -7.403  1.00 0.00 ? 298 ALA A HB3  1 
ATOM 348 N N    . MET A 1 22 ? 5.195   10.636  -6.666  1.00 0.00 ? 299 MET A N    1 
ATOM 349 C CA   . MET A 1 22 ? 4.114   9.952   -7.450  1.00 0.00 ? 299 MET A CA   1 
ATOM 350 C C    . MET A 1 22 ? 3.572   10.913  -8.511  1.00 0.00 ? 299 MET A C    1 
ATOM 351 O O    . MET A 1 22 ? 2.490   10.730  -9.034  1.00 0.00 ? 299 MET A O    1 
ATOM 352 C CB   . MET A 1 22 ? 2.980   9.549   -6.504  1.00 0.00 ? 299 MET A CB   1 
ATOM 353 C CG   . MET A 1 22 ? 2.265   10.804  -6.002  1.00 0.00 ? 299 MET A CG   1 
ATOM 354 S SD   . MET A 1 22 ? 2.004   10.673  -4.215  1.00 0.00 ? 299 MET A SD   1 
ATOM 355 C CE   . MET A 1 22 ? 0.684   11.904  -4.089  1.00 0.00 ? 299 MET A CE   1 
ATOM 356 H H    . MET A 1 22 ? 4.996   11.462  -6.153  1.00 0.00 ? 299 MET A H    1 
ATOM 357 H HA   . MET A 1 22 ? 4.510   9.060   -7.941  1.00 0.00 ? 299 MET A HA   1 
ATOM 358 H HB2  . MET A 1 22 ? 2.277   8.920   -7.034  1.00 0.00 ? 299 MET A HB2  1 
ATOM 359 H HB3  . MET A 1 22 ? 3.387   9.007   -5.665  1.00 0.00 ? 299 MET A HB3  1 
ATOM 360 H HG2  . MET A 1 22 ? 2.870   11.673  -6.214  1.00 0.00 ? 299 MET A HG2  1 
ATOM 361 H HG3  . MET A 1 22 ? 1.311   10.898  -6.498  1.00 0.00 ? 299 MET A HG3  1 
ATOM 362 H HE1  . MET A 1 22 ? 0.049   11.844  -4.957  1.00 0.00 ? 299 MET A HE1  1 
ATOM 363 H HE2  . MET A 1 22 ? 0.096   11.710  -3.202  1.00 0.00 ? 299 MET A HE2  1 
ATOM 364 H HE3  . MET A 1 22 ? 1.120   12.892  -4.030  1.00 0.00 ? 299 MET A HE3  1 
ATOM 365 N N    . LYS A 1 23 ? 4.314   11.937  -8.832  1.00 0.00 ? 300 LYS A N    1 
ATOM 366 C CA   . LYS A 1 23 ? 3.840   12.909  -9.858  1.00 0.00 ? 300 LYS A CA   1 
ATOM 367 C C    . LYS A 1 23 ? 2.446   13.413  -9.477  1.00 0.00 ? 300 LYS A C    1 
ATOM 368 O O    . LYS A 1 23 ? 1.860   14.128  -10.271 1.00 0.00 ? 300 LYS A O    1 
ATOM 369 C CB   . LYS A 1 23 ? 3.778   12.219  -11.221 1.00 0.00 ? 300 LYS A CB   1 
ATOM 370 C CG   . LYS A 1 23 ? 3.701   13.276  -12.326 1.00 0.00 ? 300 LYS A CG   1 
ATOM 371 C CD   . LYS A 1 23 ? 5.029   13.324  -13.083 1.00 0.00 ? 300 LYS A CD   1 
ATOM 372 C CE   . LYS A 1 23 ? 5.432   14.780  -13.319 1.00 0.00 ? 300 LYS A CE   1 
ATOM 373 N NZ   . LYS A 1 23 ? 6.909   14.916  -13.176 1.00 0.00 ? 300 LYS A NZ   1 
ATOM 374 O OXT  . LYS A 1 23 ? 1.989   13.073  -8.398  1.00 0.00 ? 300 LYS A OXT  1 
ATOM 375 H H    . LYS A 1 23 ? 5.184   12.067  -8.397  1.00 0.00 ? 300 LYS A H    1 
ATOM 376 H HA   . LYS A 1 23 ? 4.524   13.744  -9.906  1.00 0.00 ? 300 LYS A HA   1 
ATOM 377 H HB2  . LYS A 1 23 ? 4.664   11.616  -11.361 1.00 0.00 ? 300 LYS A HB2  1 
ATOM 378 H HB3  . LYS A 1 23 ? 2.902   11.589  -11.268 1.00 0.00 ? 300 LYS A HB3  1 
ATOM 379 H HG2  . LYS A 1 23 ? 2.904   13.024  -13.010 1.00 0.00 ? 300 LYS A HG2  1 
ATOM 380 H HG3  . LYS A 1 23 ? 3.505   14.242  -11.885 1.00 0.00 ? 300 LYS A HG3  1 
ATOM 381 H HD2  . LYS A 1 23 ? 5.793   12.827  -12.500 1.00 0.00 ? 300 LYS A HD2  1 
ATOM 382 H HD3  . LYS A 1 23 ? 4.920   12.823  -14.033 1.00 0.00 ? 300 LYS A HD3  1 
ATOM 383 H HE2  . LYS A 1 23 ? 5.137   15.077  -14.314 1.00 0.00 ? 300 LYS A HE2  1 
ATOM 384 H HE3  . LYS A 1 23 ? 4.940   15.411  -12.593 1.00 0.00 ? 300 LYS A HE3  1 
ATOM 385 H HZ1  . LYS A 1 23 ? 7.378   14.314  -13.868 1.00 0.00 ? 300 LYS A HZ1  1 
ATOM 386 H HZ2  . LYS A 1 23 ? 7.181   15.896  -13.335 1.00 0.00 ? 300 LYS A HZ2  1 
ATOM 387 H HZ3  . LYS A 1 23 ? 7.190   14.631  -12.227 1.00 0.00 ? 300 LYS A HZ3  1 
# 
